data_7BI6
#
_entry.id   7BI6
#
_cell.length_a   56.124
_cell.length_b   133.371
_cell.length_c   152.709
_cell.angle_alpha   90.000
_cell.angle_beta   90.000
_cell.angle_gamma   90.000
#
_symmetry.space_group_name_H-M   'P 21 21 21'
#
loop_
_entity.id
_entity.type
_entity.pdbx_description
1 polymer 'Phosphatidylinositol 4-phosphate 3-kinase C2 domain-containing subunit alpha,Phosphatidylinositol 4-phosphate 3-kinase C2 domain-containing subunit alpha'
2 non-polymer "ADENOSINE-5'-TRIPHOSPHATE"
3 non-polymer 'SULFATE ION'
4 non-polymer 1,2-ETHANEDIOL
5 non-polymer 'MAGNESIUM ION'
6 water water
#
_entity_poly.entity_id   1
_entity_poly.type   'polypeptide(L)'
_entity_poly.pdbx_seq_one_letter_code
;GAVQNDEVAAFCQSIMKLKTKFPYTDHCTNPGYLLSPVTVQRNMCGENASVKVSIEIEGLQLPVTFTCDVSSTVEIIIMQ
ALCWVHDDLNQVDVGSYILKVCGQEEVLQNNHCLGSHEHIQNCRKWDTEIKLQLLTLSAMCQNLARTAEDDEAPVDLNGS
GSVMTRHSAGAGSGASTGCPRGSRNIKEAWTATEQLQFTVYAAHGISSNWVSNYEKYYLICSLSHNGKDLFKPIQSKKVG
TYKNAAYLIKWDELIIFPIQISQLPLESVLHLTLFGVLNQSSGSSPDSNKQRKGPEALGKVSLTLFDFKRFLTCGTKLAY
LWTSSHTNSIPGAIPKKSYVMERIVLQVDFPSPAFDIIYTSPQIDRNIIQQDKLETLESDIKGKLLDIIHRDSSFGLSKE
DKVFLWENRYYCLKHPNCLPKILASAPNWKWANLAKTYSLLHQWPPLCPLAALELLDAKFADQEVRSLAVSWMEAISDDE
LADLLPQFVQALKYEIYLNSSLVRFLLSRALGNIQIAHSLYWLLKDALHDTHFGSRYEHVLGALLSVGGKGLREELSKQM
KLVQLLGGVAEKVRQASGSTRQVVLQKSMERVQSFFLRNKCRLPLKPSLVAKELNIKSCSFFSSNAMPLKVTMVNADPLG
EEINVMFKVGEDLRQDMLALQMIKIMDKIWLKEGLDLRMVIFRCLSTGRDRGMVELVPASDTLRKIQVEYGVTGSFKDKP
LAEWLRKYNPSEEEYEKASENFIYSCAGCCVATYVLGICDRHNDNIMLRSTGHMFHIDFGKFLGHAQMFGSFKRDRAPFV
LTSDMAYVINGGEKPTIRFQLFVDLCCQAYNLIRKQTNLFLNLLSLMIPSGLPELTSIQDLKYVRDALQPQTTDAEATIF
FTRLIESSLGSIATKFNFFIHNLAQLRFSG
;
_entity_poly.pdbx_strand_id   A
#
loop_
_chem_comp.id
_chem_comp.type
_chem_comp.name
_chem_comp.formula
ATP non-polymer ADENOSINE-5'-TRIPHOSPHATE 'C10 H16 N5 O13 P3'
EDO non-polymer 1,2-ETHANEDIOL 'C2 H6 O2'
MG non-polymer 'MAGNESIUM ION' 'Mg 2'
SO4 non-polymer 'SULFATE ION' 'O4 S -2'
#
# COMPACT_ATOMS: atom_id res chain seq x y z
N ALA A 2 12.06 20.61 24.13
CA ALA A 2 11.26 21.64 24.87
C ALA A 2 9.89 21.84 24.20
N VAL A 3 9.91 22.11 22.88
CA VAL A 3 8.68 22.30 22.05
C VAL A 3 8.32 20.97 21.38
N GLN A 4 9.32 20.14 21.04
CA GLN A 4 9.12 18.81 20.40
C GLN A 4 8.52 17.84 21.42
N ASN A 5 8.97 17.90 22.68
CA ASN A 5 8.43 17.10 23.81
C ASN A 5 6.99 17.55 24.11
N ASP A 6 6.69 18.84 23.90
CA ASP A 6 5.34 19.44 24.10
C ASP A 6 4.42 19.00 22.96
N GLU A 7 4.94 18.92 21.73
CA GLU A 7 4.20 18.42 20.53
C GLU A 7 3.77 16.96 20.78
N VAL A 8 4.68 16.15 21.33
CA VAL A 8 4.44 14.72 21.68
C VAL A 8 3.38 14.63 22.78
N ALA A 9 3.42 15.55 23.76
CA ALA A 9 2.47 15.64 24.89
C ALA A 9 1.06 16.01 24.36
N ALA A 10 0.99 16.98 23.45
CA ALA A 10 -0.26 17.49 22.84
C ALA A 10 -0.86 16.42 21.92
N PHE A 11 0.00 15.66 21.21
CA PHE A 11 -0.40 14.51 20.35
C PHE A 11 -1.12 13.47 21.22
N CYS A 12 -0.50 13.07 22.33
CA CYS A 12 -1.00 12.05 23.30
C CYS A 12 -2.38 12.43 23.84
N GLN A 13 -2.60 13.72 24.12
CA GLN A 13 -3.86 14.23 24.74
C GLN A 13 -5.00 14.17 23.72
N SER A 14 -4.72 14.45 22.44
CA SER A 14 -5.69 14.37 21.32
C SER A 14 -6.02 12.90 20.99
N ILE A 15 -5.03 12.02 21.15
CA ILE A 15 -5.19 10.53 20.98
C ILE A 15 -6.01 10.00 22.15
N MET A 16 -5.84 10.57 23.35
CA MET A 16 -6.60 10.21 24.59
C MET A 16 -8.09 10.58 24.41
N LYS A 17 -8.39 11.63 23.64
CA LYS A 17 -9.78 12.12 23.43
C LYS A 17 -10.35 11.55 22.13
N LEU A 18 -9.51 10.93 21.28
CA LEU A 18 -9.96 10.08 20.14
C LEU A 18 -10.48 8.75 20.71
N LYS A 19 -9.79 8.22 21.72
CA LYS A 19 -10.12 6.95 22.43
C LYS A 19 -11.54 7.02 23.02
N THR A 20 -11.96 8.21 23.46
CA THR A 20 -13.29 8.45 24.10
C THR A 20 -14.42 8.13 23.13
N LYS A 21 -14.19 8.35 21.82
CA LYS A 21 -15.19 8.08 20.74
C LYS A 21 -15.30 6.58 20.49
N PHE A 22 -14.35 5.78 20.99
CA PHE A 22 -14.28 4.30 20.81
C PHE A 22 -14.32 3.61 22.17
N PRO A 23 -15.48 3.56 22.84
CA PRO A 23 -15.62 2.77 24.08
C PRO A 23 -15.60 1.27 23.79
N TYR A 24 -15.17 0.47 24.77
CA TYR A 24 -15.01 -1.00 24.67
C TYR A 24 -16.37 -1.69 24.52
N THR A 25 -17.46 -0.99 24.86
CA THR A 25 -18.85 -1.50 24.86
C THR A 25 -19.39 -1.58 23.43
N ASP A 26 -19.07 -0.60 22.58
CA ASP A 26 -19.53 -0.52 21.17
CA ASP A 26 -19.54 -0.53 21.17
C ASP A 26 -18.91 -1.68 20.38
N HIS A 27 -19.68 -2.77 20.18
CA HIS A 27 -19.28 -3.99 19.44
C HIS A 27 -19.00 -3.64 17.96
N CYS A 28 -19.73 -2.66 17.42
CA CYS A 28 -19.59 -2.14 16.03
C CYS A 28 -18.12 -1.83 15.73
N THR A 29 -17.46 -1.10 16.62
CA THR A 29 -16.05 -0.62 16.47
C THR A 29 -15.09 -1.47 17.31
N ASN A 30 -15.60 -2.30 18.23
CA ASN A 30 -14.79 -3.20 19.09
C ASN A 30 -15.39 -4.61 19.05
N PRO A 31 -15.33 -5.31 17.89
CA PRO A 31 -15.89 -6.66 17.77
C PRO A 31 -15.05 -7.72 18.50
N GLY A 32 -13.71 -7.64 18.39
CA GLY A 32 -12.76 -8.62 18.94
C GLY A 32 -12.35 -9.67 17.91
N TYR A 33 -12.91 -9.59 16.70
CA TYR A 33 -12.61 -10.52 15.57
C TYR A 33 -12.39 -9.71 14.29
N LEU A 34 -11.64 -10.30 13.35
CA LEU A 34 -11.42 -9.76 11.97
C LEU A 34 -12.73 -9.92 11.17
N LEU A 35 -13.07 -8.93 10.35
CA LEU A 35 -14.18 -9.00 9.37
C LEU A 35 -13.63 -9.60 8.07
N SER A 36 -14.28 -10.65 7.55
CA SER A 36 -14.01 -11.23 6.21
C SER A 36 -14.15 -10.13 5.17
N PRO A 37 -13.09 -9.80 4.39
CA PRO A 37 -13.12 -8.63 3.50
C PRO A 37 -14.07 -8.80 2.32
N VAL A 38 -14.67 -7.69 1.87
CA VAL A 38 -15.65 -7.63 0.74
C VAL A 38 -15.13 -6.66 -0.32
N THR A 39 -15.32 -6.99 -1.60
CA THR A 39 -15.03 -6.12 -2.78
C THR A 39 -16.28 -6.10 -3.67
N VAL A 40 -17.13 -5.08 -3.51
CA VAL A 40 -18.45 -4.94 -4.19
C VAL A 40 -18.29 -5.30 -5.68
N GLN A 41 -19.13 -6.23 -6.15
CA GLN A 41 -19.15 -6.77 -7.55
C GLN A 41 -20.55 -6.58 -8.12
N ARG A 42 -20.65 -6.14 -9.38
CA ARG A 42 -21.93 -5.87 -10.10
C ARG A 42 -22.74 -7.17 -10.20
N ASN A 43 -23.96 -7.18 -9.66
CA ASN A 43 -24.87 -8.36 -9.62
C ASN A 43 -26.21 -8.00 -10.24
N ALA A 49 -27.07 -15.80 -10.42
CA ALA A 49 -25.85 -16.54 -10.02
C ALA A 49 -26.12 -17.32 -8.73
N SER A 50 -25.85 -18.64 -8.74
CA SER A 50 -26.12 -19.59 -7.63
C SER A 50 -24.81 -20.16 -7.08
N VAL A 51 -24.76 -20.42 -5.77
CA VAL A 51 -23.61 -21.07 -5.08
C VAL A 51 -24.15 -22.04 -4.03
N LYS A 52 -23.50 -23.19 -3.87
CA LYS A 52 -23.74 -24.16 -2.76
C LYS A 52 -22.84 -23.76 -1.58
N VAL A 53 -23.43 -23.67 -0.38
CA VAL A 53 -22.72 -23.32 0.88
C VAL A 53 -22.94 -24.46 1.90
N SER A 54 -21.93 -24.77 2.70
CA SER A 54 -21.93 -25.85 3.72
C SER A 54 -21.78 -25.24 5.12
N ILE A 55 -22.88 -25.12 5.86
CA ILE A 55 -22.96 -24.41 7.18
C ILE A 55 -23.00 -25.45 8.30
N GLU A 56 -22.04 -25.38 9.23
CA GLU A 56 -21.97 -26.19 10.47
C GLU A 56 -22.87 -25.55 11.54
N ILE A 57 -23.83 -26.30 12.08
CA ILE A 57 -24.83 -25.82 13.08
C ILE A 57 -24.70 -26.67 14.36
N GLU A 58 -24.81 -26.03 15.52
CA GLU A 58 -24.73 -26.69 16.86
C GLU A 58 -25.94 -27.62 17.02
N GLY A 59 -25.68 -28.87 17.42
CA GLY A 59 -26.70 -29.94 17.56
C GLY A 59 -26.65 -30.92 16.40
N LEU A 60 -26.56 -30.41 15.17
CA LEU A 60 -26.46 -31.21 13.91
C LEU A 60 -25.06 -31.82 13.82
N GLN A 61 -24.98 -33.12 13.46
CA GLN A 61 -23.72 -33.88 13.26
C GLN A 61 -23.23 -33.70 11.83
N LEU A 62 -24.15 -33.55 10.87
CA LEU A 62 -23.86 -33.20 9.46
C LEU A 62 -24.23 -31.74 9.22
N PRO A 63 -23.38 -30.96 8.51
CA PRO A 63 -23.71 -29.56 8.18
C PRO A 63 -24.74 -29.48 7.05
N VAL A 64 -25.67 -28.52 7.14
CA VAL A 64 -26.72 -28.27 6.11
C VAL A 64 -26.06 -27.66 4.86
N THR A 65 -26.20 -28.32 3.71
CA THR A 65 -25.71 -27.85 2.39
C THR A 65 -26.89 -27.48 1.51
N PHE A 66 -27.03 -26.20 1.16
CA PHE A 66 -28.11 -25.66 0.29
C PHE A 66 -27.54 -24.61 -0.66
N THR A 67 -28.29 -24.29 -1.72
CA THR A 67 -27.92 -23.30 -2.77
C THR A 67 -28.46 -21.93 -2.36
N CYS A 68 -27.58 -20.91 -2.34
CA CYS A 68 -27.94 -19.49 -2.07
C CYS A 68 -27.77 -18.67 -3.35
N ASP A 69 -28.56 -17.60 -3.49
CA ASP A 69 -28.37 -16.57 -4.56
C ASP A 69 -27.18 -15.70 -4.16
N VAL A 70 -26.17 -15.64 -5.03
CA VAL A 70 -24.88 -14.91 -4.82
C VAL A 70 -25.19 -13.45 -4.45
N SER A 71 -26.24 -12.86 -5.05
CA SER A 71 -26.66 -11.45 -4.87
C SER A 71 -27.24 -11.22 -3.46
N SER A 72 -27.76 -12.27 -2.81
CA SER A 72 -28.50 -12.19 -1.53
C SER A 72 -27.53 -11.85 -0.38
N THR A 73 -28.01 -11.10 0.62
CA THR A 73 -27.20 -10.56 1.76
C THR A 73 -26.97 -11.68 2.77
N VAL A 74 -25.85 -11.62 3.51
CA VAL A 74 -25.42 -12.61 4.53
C VAL A 74 -26.50 -12.72 5.61
N GLU A 75 -27.15 -11.60 5.94
CA GLU A 75 -28.24 -11.50 6.96
C GLU A 75 -29.30 -12.56 6.68
N ILE A 76 -29.78 -12.65 5.42
CA ILE A 76 -30.91 -13.55 5.04
C ILE A 76 -30.40 -14.98 4.85
N ILE A 77 -29.11 -15.15 4.53
CA ILE A 77 -28.44 -16.48 4.41
C ILE A 77 -28.31 -17.10 5.81
N ILE A 78 -28.13 -16.26 6.84
CA ILE A 78 -28.05 -16.67 8.27
C ILE A 78 -29.41 -17.26 8.68
N MET A 79 -30.52 -16.64 8.28
CA MET A 79 -31.89 -17.07 8.66
C MET A 79 -32.50 -17.96 7.56
N GLN A 80 -31.81 -18.15 6.44
CA GLN A 80 -32.04 -19.28 5.50
C GLN A 80 -31.57 -20.57 6.19
N ALA A 81 -30.41 -20.49 6.87
CA ALA A 81 -29.78 -21.60 7.62
C ALA A 81 -30.58 -21.90 8.90
N LEU A 82 -31.21 -20.89 9.50
CA LEU A 82 -32.04 -21.04 10.73
C LEU A 82 -33.40 -21.64 10.38
N CYS A 83 -33.91 -21.37 9.17
CA CYS A 83 -35.19 -21.94 8.63
C CYS A 83 -35.04 -23.44 8.38
N TRP A 84 -33.82 -23.91 8.09
CA TRP A 84 -33.49 -25.35 7.86
C TRP A 84 -33.60 -26.13 9.17
N VAL A 85 -33.16 -25.54 10.29
CA VAL A 85 -33.09 -26.21 11.63
C VAL A 85 -34.39 -25.98 12.40
N HIS A 86 -34.92 -24.75 12.39
CA HIS A 86 -36.13 -24.33 13.16
C HIS A 86 -37.32 -24.18 12.22
N ASP A 87 -38.47 -24.75 12.60
CA ASP A 87 -39.75 -24.71 11.86
C ASP A 87 -40.25 -23.25 11.77
N ASP A 88 -40.10 -22.49 12.87
CA ASP A 88 -40.46 -21.05 12.96
C ASP A 88 -39.39 -20.34 13.80
N LEU A 89 -38.85 -19.22 13.30
CA LEU A 89 -37.79 -18.43 13.99
C LEU A 89 -38.41 -17.22 14.68
N ASN A 90 -39.57 -17.43 15.33
CA ASN A 90 -40.28 -16.42 16.16
C ASN A 90 -39.51 -16.22 17.48
N GLN A 91 -39.00 -17.30 18.07
CA GLN A 91 -38.24 -17.30 19.34
C GLN A 91 -36.93 -18.09 19.17
N VAL A 92 -36.01 -17.58 18.33
CA VAL A 92 -34.64 -18.13 18.15
C VAL A 92 -33.60 -17.02 18.40
N ASP A 93 -34.00 -15.74 18.26
CA ASP A 93 -33.12 -14.55 18.37
C ASP A 93 -32.15 -14.56 17.18
N VAL A 94 -32.60 -14.09 16.03
CA VAL A 94 -31.85 -14.12 14.73
C VAL A 94 -30.69 -13.11 14.80
N GLY A 95 -30.83 -12.03 15.57
CA GLY A 95 -29.80 -11.01 15.79
C GLY A 95 -28.60 -11.55 16.54
N SER A 96 -28.78 -12.64 17.30
CA SER A 96 -27.73 -13.30 18.12
C SER A 96 -26.63 -13.89 17.22
N TYR A 97 -26.99 -14.38 16.03
CA TYR A 97 -26.17 -15.29 15.19
C TYR A 97 -25.33 -14.51 14.18
N ILE A 98 -24.16 -15.07 13.83
CA ILE A 98 -23.21 -14.59 12.78
C ILE A 98 -22.76 -15.80 11.96
N LEU A 99 -22.18 -15.55 10.77
CA LEU A 99 -21.52 -16.58 9.92
C LEU A 99 -20.02 -16.29 9.85
N LYS A 100 -19.19 -17.28 10.20
CA LYS A 100 -17.71 -17.21 10.09
C LYS A 100 -17.25 -18.26 9.07
N VAL A 101 -16.11 -18.01 8.42
CA VAL A 101 -15.43 -18.99 7.52
C VAL A 101 -14.88 -20.13 8.40
N CYS A 102 -15.08 -21.39 7.99
CA CYS A 102 -14.58 -22.58 8.70
C CYS A 102 -13.04 -22.60 8.65
N GLY A 103 -12.39 -22.58 9.82
CA GLY A 103 -10.92 -22.59 9.97
C GLY A 103 -10.36 -21.21 10.26
N GLN A 104 -10.88 -20.20 9.58
CA GLN A 104 -10.41 -18.79 9.65
C GLN A 104 -11.27 -18.01 10.65
N GLU A 105 -10.65 -17.39 11.65
CA GLU A 105 -11.33 -16.55 12.68
C GLU A 105 -11.69 -15.19 12.05
N GLU A 106 -12.55 -15.20 11.03
CA GLU A 106 -13.08 -13.98 10.36
C GLU A 106 -14.60 -14.15 10.18
N VAL A 107 -15.36 -13.08 10.47
CA VAL A 107 -16.85 -13.06 10.47
C VAL A 107 -17.34 -12.39 9.19
N LEU A 108 -18.31 -13.00 8.51
CA LEU A 108 -18.97 -12.43 7.29
C LEU A 108 -19.81 -11.22 7.70
N GLN A 109 -19.83 -10.19 6.84
CA GLN A 109 -20.53 -8.90 7.07
C GLN A 109 -22.00 -9.06 6.68
N ASN A 110 -22.92 -8.88 7.64
CA ASN A 110 -24.37 -9.22 7.53
C ASN A 110 -25.05 -8.42 6.42
N ASN A 111 -24.62 -7.17 6.18
CA ASN A 111 -25.33 -6.22 5.27
CA ASN A 111 -25.31 -6.20 5.27
C ASN A 111 -24.63 -6.18 3.90
N HIS A 112 -23.77 -7.17 3.61
CA HIS A 112 -23.07 -7.32 2.31
C HIS A 112 -23.56 -8.61 1.62
N CYS A 113 -23.62 -8.61 0.29
CA CYS A 113 -23.94 -9.79 -0.56
C CYS A 113 -22.91 -10.89 -0.28
N LEU A 114 -23.34 -12.16 -0.30
CA LEU A 114 -22.45 -13.34 -0.20
C LEU A 114 -21.38 -13.24 -1.29
N GLY A 115 -21.77 -12.80 -2.49
CA GLY A 115 -20.89 -12.65 -3.68
C GLY A 115 -19.77 -11.65 -3.46
N SER A 116 -20.01 -10.61 -2.64
CA SER A 116 -19.06 -9.50 -2.35
C SER A 116 -17.80 -10.04 -1.65
N HIS A 117 -17.96 -11.02 -0.75
CA HIS A 117 -16.90 -11.54 0.15
C HIS A 117 -15.78 -12.19 -0.68
N GLU A 118 -14.52 -11.81 -0.40
CA GLU A 118 -13.30 -12.30 -1.10
C GLU A 118 -13.23 -13.82 -1.04
N HIS A 119 -13.61 -14.42 0.10
CA HIS A 119 -13.56 -15.89 0.34
C HIS A 119 -14.51 -16.62 -0.62
N ILE A 120 -15.72 -16.06 -0.84
CA ILE A 120 -16.75 -16.63 -1.74
C ILE A 120 -16.26 -16.52 -3.19
N GLN A 121 -15.69 -15.37 -3.55
CA GLN A 121 -15.10 -15.09 -4.89
C GLN A 121 -13.99 -16.11 -5.19
N ASN A 122 -13.11 -16.36 -4.21
CA ASN A 122 -11.95 -17.28 -4.34
C ASN A 122 -12.43 -18.72 -4.50
N CYS A 123 -13.32 -19.18 -3.61
CA CYS A 123 -13.94 -20.53 -3.64
C CYS A 123 -14.57 -20.80 -5.01
N ARG A 124 -15.35 -19.83 -5.51
CA ARG A 124 -16.03 -19.88 -6.82
C ARG A 124 -15.00 -20.06 -7.94
N LYS A 125 -13.86 -19.36 -7.87
CA LYS A 125 -12.80 -19.38 -8.91
C LYS A 125 -12.14 -20.77 -8.92
N TRP A 126 -11.76 -21.31 -7.76
CA TRP A 126 -11.08 -22.62 -7.62
C TRP A 126 -12.11 -23.77 -7.72
N ASP A 127 -13.40 -23.46 -7.55
CA ASP A 127 -14.53 -24.43 -7.51
C ASP A 127 -14.38 -25.33 -6.28
N THR A 128 -13.84 -24.78 -5.19
CA THR A 128 -13.73 -25.45 -3.86
C THR A 128 -15.02 -25.21 -3.08
N GLU A 129 -15.26 -26.00 -2.02
CA GLU A 129 -16.51 -25.99 -1.23
C GLU A 129 -16.51 -24.79 -0.27
N ILE A 130 -17.55 -23.97 -0.32
CA ILE A 130 -17.79 -22.84 0.64
C ILE A 130 -18.22 -23.45 1.98
N LYS A 131 -17.27 -23.56 2.92
CA LYS A 131 -17.50 -24.09 4.29
C LYS A 131 -17.62 -22.92 5.26
N LEU A 132 -18.84 -22.64 5.77
CA LEU A 132 -19.13 -21.61 6.79
C LEU A 132 -19.53 -22.32 8.10
N GLN A 133 -19.59 -21.56 9.20
CA GLN A 133 -20.08 -22.03 10.52
C GLN A 133 -21.10 -21.01 11.06
N LEU A 134 -22.34 -21.44 11.31
CA LEU A 134 -23.38 -20.64 12.00
C LEU A 134 -23.13 -20.74 13.51
N LEU A 135 -22.91 -19.60 14.17
CA LEU A 135 -22.66 -19.50 15.63
C LEU A 135 -23.12 -18.12 16.13
N THR A 136 -23.18 -17.96 17.46
CA THR A 136 -23.51 -16.69 18.16
C THR A 136 -22.21 -16.07 18.68
N LEU A 137 -22.13 -14.73 18.67
CA LEU A 137 -20.90 -13.96 19.05
C LEU A 137 -20.40 -14.36 20.45
N SER A 138 -21.26 -14.99 21.27
CA SER A 138 -20.90 -15.58 22.58
C SER A 138 -19.83 -16.66 22.39
N ALA A 139 -20.05 -17.58 21.45
CA ALA A 139 -19.16 -18.72 21.11
C ALA A 139 -17.95 -18.23 20.29
N MET A 140 -18.12 -17.13 19.55
CA MET A 140 -17.07 -16.55 18.66
C MET A 140 -15.94 -15.99 19.52
N CYS A 141 -14.69 -16.32 19.17
CA CYS A 141 -13.46 -15.87 19.87
C CYS A 141 -13.32 -14.35 19.74
N GLN A 142 -13.25 -13.65 20.88
CA GLN A 142 -13.15 -12.16 20.97
C GLN A 142 -11.97 -11.80 21.88
N ASN A 143 -10.82 -12.44 21.68
CA ASN A 143 -9.61 -12.29 22.55
C ASN A 143 -8.89 -10.98 22.19
N LEU A 144 -9.10 -10.45 20.99
CA LEU A 144 -8.46 -9.20 20.49
C LEU A 144 -9.24 -7.97 20.96
N ALA A 145 -10.45 -8.15 21.50
CA ALA A 145 -11.36 -7.08 21.96
C ALA A 145 -10.68 -6.23 23.04
N ARG A 146 -10.89 -4.92 23.01
CA ARG A 146 -10.40 -3.96 24.04
C ARG A 146 -11.24 -4.13 25.32
N THR A 147 -10.63 -3.88 26.49
CA THR A 147 -11.27 -3.99 27.83
C THR A 147 -11.56 -2.58 28.36
N ALA A 148 -12.21 -2.49 29.53
CA ALA A 148 -12.47 -1.22 30.25
C ALA A 148 -11.14 -0.64 30.74
N GLU A 149 -10.19 -1.51 31.12
CA GLU A 149 -8.81 -1.16 31.53
C GLU A 149 -8.12 -0.39 30.40
N ASP A 150 -8.24 -0.86 29.17
CA ASP A 150 -7.61 -0.28 27.95
C ASP A 150 -8.17 1.14 27.72
N ASP A 151 -9.47 1.35 27.97
CA ASP A 151 -10.15 2.65 27.81
C ASP A 151 -9.64 3.65 28.87
N GLU A 152 -9.57 3.22 30.13
CA GLU A 152 -9.15 4.06 31.29
C GLU A 152 -7.64 4.33 31.23
N ALA A 153 -6.87 3.43 30.62
CA ALA A 153 -5.39 3.50 30.49
C ALA A 153 -5.00 4.75 29.72
N PRO A 154 -3.94 5.49 30.16
CA PRO A 154 -3.45 6.66 29.42
C PRO A 154 -2.52 6.27 28.27
N VAL A 155 -2.34 7.18 27.30
CA VAL A 155 -1.47 6.98 26.10
C VAL A 155 -0.02 7.26 26.52
N ASP A 156 0.83 6.23 26.52
CA ASP A 156 2.26 6.31 26.92
C ASP A 156 3.12 6.64 25.70
N LEU A 157 2.92 5.91 24.59
CA LEU A 157 3.53 6.16 23.25
C LEU A 157 4.91 5.49 23.15
N ASN A 158 5.44 4.95 24.26
CA ASN A 158 6.79 4.34 24.33
C ASN A 158 6.65 2.83 24.64
N GLY A 159 7.69 2.06 24.31
CA GLY A 159 7.75 0.60 24.52
C GLY A 159 8.33 0.26 25.88
N ARG A 184 6.67 37.20 25.39
CA ARG A 184 5.19 37.31 25.58
C ARG A 184 4.60 38.31 24.58
N ASN A 185 5.39 39.31 24.16
CA ASN A 185 5.05 40.22 23.03
C ASN A 185 5.13 39.42 21.72
N ILE A 186 4.07 39.44 20.91
CA ILE A 186 3.93 38.63 19.66
C ILE A 186 3.91 39.56 18.44
N LYS A 187 4.60 39.17 17.37
CA LYS A 187 4.59 39.82 16.03
C LYS A 187 4.06 38.82 15.00
N GLU A 188 3.00 39.17 14.27
CA GLU A 188 2.36 38.29 13.26
C GLU A 188 3.26 38.21 12.02
N ALA A 189 3.38 37.02 11.44
CA ALA A 189 4.39 36.64 10.43
C ALA A 189 4.34 37.56 9.20
N TRP A 190 3.13 37.94 8.76
CA TRP A 190 2.90 38.72 7.51
C TRP A 190 3.49 40.12 7.62
N THR A 191 3.73 40.63 8.84
CA THR A 191 4.33 41.96 9.12
C THR A 191 5.86 41.82 9.23
N ALA A 192 6.36 40.66 9.67
CA ALA A 192 7.80 40.37 9.88
C ALA A 192 8.57 40.50 8.56
N THR A 193 9.32 41.60 8.42
CA THR A 193 10.12 41.92 7.21
C THR A 193 11.57 41.44 7.38
N GLU A 194 11.92 40.92 8.57
CA GLU A 194 13.25 40.32 8.86
C GLU A 194 13.55 39.23 7.83
N GLN A 195 14.82 39.11 7.41
CA GLN A 195 15.28 38.12 6.41
C GLN A 195 15.50 36.77 7.10
N LEU A 196 15.10 35.67 6.48
CA LEU A 196 15.38 34.30 6.99
C LEU A 196 16.89 34.08 6.97
N GLN A 197 17.50 34.03 8.16
CA GLN A 197 18.95 33.72 8.33
C GLN A 197 19.11 32.83 9.56
N PHE A 198 20.22 32.09 9.60
CA PHE A 198 20.61 31.14 10.67
C PHE A 198 22.10 30.81 10.48
N THR A 199 22.82 30.53 11.56
CA THR A 199 24.26 30.19 11.53
C THR A 199 24.43 28.71 11.85
N VAL A 200 24.66 27.88 10.82
CA VAL A 200 25.09 26.46 10.95
C VAL A 200 26.36 26.44 11.81
N TYR A 201 26.22 26.07 13.08
CA TYR A 201 27.29 26.19 14.10
C TYR A 201 28.29 25.03 13.95
N ALA A 202 27.86 23.80 14.25
CA ALA A 202 28.75 22.62 14.30
C ALA A 202 27.96 21.31 14.20
N ALA A 203 28.64 20.25 13.73
CA ALA A 203 28.21 18.83 13.81
C ALA A 203 29.08 18.13 14.85
N HIS A 204 28.47 17.32 15.74
CA HIS A 204 29.13 16.69 16.91
C HIS A 204 29.05 15.16 16.82
N GLY A 205 30.15 14.49 17.19
CA GLY A 205 30.21 13.03 17.39
C GLY A 205 30.50 12.27 16.09
N ILE A 206 31.36 12.82 15.23
CA ILE A 206 31.73 12.19 13.93
C ILE A 206 32.57 10.94 14.21
N SER A 207 32.51 9.94 13.32
CA SER A 207 33.09 8.59 13.53
C SER A 207 34.59 8.58 13.22
N SER A 208 35.25 7.45 13.49
CA SER A 208 36.71 7.23 13.28
C SER A 208 36.99 6.93 11.80
N ASN A 209 36.03 6.33 11.10
CA ASN A 209 36.12 5.99 9.65
C ASN A 209 35.84 7.24 8.80
N TRP A 210 35.25 8.29 9.41
CA TRP A 210 34.96 9.60 8.76
C TRP A 210 36.24 10.45 8.71
N VAL A 211 36.91 10.62 9.85
CA VAL A 211 38.22 11.33 9.99
C VAL A 211 39.27 10.61 9.13
N SER A 212 39.13 9.28 8.99
CA SER A 212 39.99 8.41 8.14
C SER A 212 39.83 8.80 6.66
N ASN A 213 38.60 8.71 6.14
CA ASN A 213 38.26 8.86 4.70
C ASN A 213 38.34 10.34 4.29
N TYR A 214 37.53 11.19 4.91
CA TYR A 214 37.20 12.56 4.44
C TYR A 214 38.20 13.58 5.03
N GLU A 215 38.56 14.58 4.22
CA GLU A 215 39.51 15.68 4.57
C GLU A 215 38.71 16.83 5.21
N LYS A 216 37.73 17.36 4.49
CA LYS A 216 36.89 18.51 4.92
C LYS A 216 35.41 18.19 4.64
N TYR A 217 34.50 18.91 5.30
CA TYR A 217 33.02 18.74 5.18
C TYR A 217 32.38 20.10 4.87
N TYR A 218 31.23 20.08 4.20
CA TYR A 218 30.40 21.28 3.90
C TYR A 218 28.91 20.89 3.88
N LEU A 219 28.05 21.81 4.33
CA LEU A 219 26.56 21.66 4.33
C LEU A 219 26.00 22.38 3.10
N ILE A 220 24.98 21.79 2.46
CA ILE A 220 24.15 22.42 1.40
C ILE A 220 22.76 22.69 1.99
N CYS A 221 22.40 23.96 2.16
CA CYS A 221 21.13 24.44 2.77
C CYS A 221 20.14 24.79 1.66
N SER A 222 18.95 24.15 1.67
CA SER A 222 17.84 24.40 0.72
C SER A 222 16.53 24.65 1.49
N LEU A 223 15.67 25.49 0.93
CA LEU A 223 14.37 25.92 1.52
C LEU A 223 13.25 25.58 0.54
N SER A 224 12.29 24.74 0.96
CA SER A 224 11.25 24.14 0.07
C SER A 224 9.85 24.31 0.68
N HIS A 225 8.83 24.33 -0.19
CA HIS A 225 7.38 24.22 0.13
C HIS A 225 6.68 23.47 -1.00
N ASN A 226 5.71 22.61 -0.66
CA ASN A 226 5.02 21.69 -1.61
C ASN A 226 6.07 20.80 -2.29
N GLY A 227 7.12 20.41 -1.55
CA GLY A 227 8.20 19.53 -2.02
C GLY A 227 8.99 20.13 -3.18
N LYS A 228 9.02 21.46 -3.29
CA LYS A 228 9.71 22.22 -4.38
C LYS A 228 10.52 23.36 -3.75
N ASP A 229 11.75 23.57 -4.23
CA ASP A 229 12.68 24.65 -3.78
C ASP A 229 12.03 26.01 -4.05
N LEU A 230 12.12 26.93 -3.08
CA LEU A 230 11.67 28.35 -3.21
C LEU A 230 12.80 29.16 -3.86
N PHE A 231 14.04 28.84 -3.52
CA PHE A 231 15.28 29.43 -4.12
C PHE A 231 16.34 28.33 -4.27
N LYS A 232 17.36 28.58 -5.09
CA LYS A 232 18.50 27.65 -5.31
C LYS A 232 19.17 27.39 -3.96
N PRO A 233 19.72 26.18 -3.72
CA PRO A 233 20.34 25.86 -2.44
C PRO A 233 21.64 26.64 -2.20
N ILE A 234 21.85 27.12 -0.97
CA ILE A 234 23.07 27.87 -0.53
C ILE A 234 24.05 26.85 0.08
N GLN A 235 25.28 26.82 -0.43
CA GLN A 235 26.36 25.92 0.03
C GLN A 235 27.18 26.64 1.11
N SER A 236 27.59 25.90 2.16
CA SER A 236 28.46 26.39 3.26
C SER A 236 29.93 26.29 2.83
N LYS A 237 30.82 26.92 3.59
CA LYS A 237 32.30 26.84 3.39
C LYS A 237 32.76 25.42 3.72
N LYS A 238 33.81 24.94 3.06
CA LYS A 238 34.41 23.59 3.28
C LYS A 238 35.38 23.67 4.47
N VAL A 239 35.08 22.94 5.56
CA VAL A 239 35.82 22.99 6.85
C VAL A 239 36.18 21.56 7.28
N GLY A 240 37.42 21.36 7.76
CA GLY A 240 37.87 20.11 8.40
C GLY A 240 37.34 20.00 9.82
N THR A 241 37.87 19.07 10.61
CA THR A 241 37.51 18.88 12.04
C THR A 241 38.20 19.95 12.88
N TYR A 242 37.59 20.33 14.01
CA TYR A 242 38.05 21.43 14.90
C TYR A 242 39.38 21.05 15.57
N LYS A 243 40.22 22.04 15.86
CA LYS A 243 41.55 21.88 16.51
C LYS A 243 41.39 21.14 17.85
N ASN A 244 42.12 20.03 18.02
CA ASN A 244 42.20 19.24 19.29
C ASN A 244 40.81 18.68 19.62
N ALA A 245 40.01 18.36 18.60
CA ALA A 245 38.64 17.81 18.72
C ALA A 245 38.22 17.19 17.38
N ALA A 246 38.61 15.93 17.14
CA ALA A 246 38.40 15.18 15.88
C ALA A 246 36.97 14.61 15.82
N TYR A 247 36.14 14.91 16.82
CA TYR A 247 34.72 14.47 16.91
C TYR A 247 33.78 15.58 16.44
N LEU A 248 34.33 16.79 16.20
CA LEU A 248 33.55 18.05 15.99
C LEU A 248 33.92 18.68 14.65
N ILE A 249 32.91 19.09 13.87
CA ILE A 249 33.04 19.99 12.68
C ILE A 249 32.36 21.31 13.02
N LYS A 250 33.12 22.40 13.15
CA LYS A 250 32.61 23.73 13.56
C LYS A 250 32.71 24.71 12.37
N TRP A 251 31.57 25.02 11.74
CA TRP A 251 31.44 26.02 10.65
C TRP A 251 31.33 27.42 11.26
N ASP A 252 30.36 27.62 12.16
CA ASP A 252 30.03 28.93 12.78
C ASP A 252 29.88 29.97 11.67
N GLU A 253 29.23 29.57 10.56
CA GLU A 253 29.02 30.40 9.34
C GLU A 253 27.54 30.82 9.27
N LEU A 254 27.29 32.12 9.08
CA LEU A 254 25.93 32.69 8.91
C LEU A 254 25.46 32.42 7.47
N ILE A 255 24.32 31.73 7.31
CA ILE A 255 23.63 31.50 6.01
C ILE A 255 22.45 32.47 5.94
N ILE A 256 22.36 33.25 4.86
CA ILE A 256 21.29 34.26 4.61
C ILE A 256 20.59 33.92 3.28
N PHE A 257 19.30 33.57 3.36
CA PHE A 257 18.42 33.31 2.18
C PHE A 257 17.82 34.64 1.72
N PRO A 258 17.58 34.83 0.39
CA PRO A 258 16.98 36.05 -0.11
C PRO A 258 15.44 36.02 -0.01
N ILE A 259 14.92 35.87 1.21
CA ILE A 259 13.46 35.77 1.51
C ILE A 259 13.18 36.36 2.89
N GLN A 260 12.05 37.07 3.04
CA GLN A 260 11.55 37.60 4.33
C GLN A 260 10.77 36.51 5.07
N ILE A 261 10.54 36.71 6.37
CA ILE A 261 9.73 35.79 7.23
C ILE A 261 8.27 35.83 6.75
N SER A 262 7.83 36.98 6.22
CA SER A 262 6.45 37.22 5.71
C SER A 262 6.20 36.42 4.43
N GLN A 263 7.26 36.07 3.70
CA GLN A 263 7.19 35.36 2.38
C GLN A 263 7.17 33.84 2.58
N LEU A 264 7.54 33.34 3.77
CA LEU A 264 7.57 31.89 4.11
C LEU A 264 6.14 31.36 4.26
N PRO A 265 5.72 30.35 3.47
CA PRO A 265 4.51 29.60 3.76
C PRO A 265 4.62 28.88 5.12
N LEU A 266 3.47 28.52 5.71
CA LEU A 266 3.39 27.88 7.05
C LEU A 266 4.20 26.58 7.08
N GLU A 267 4.12 25.78 6.01
CA GLU A 267 4.70 24.41 5.93
C GLU A 267 6.08 24.47 5.26
N SER A 268 6.82 25.57 5.47
CA SER A 268 8.20 25.78 4.98
C SER A 268 9.15 24.86 5.74
N VAL A 269 10.08 24.21 5.02
CA VAL A 269 11.07 23.23 5.57
C VAL A 269 12.47 23.62 5.11
N LEU A 270 13.42 23.71 6.04
CA LEU A 270 14.87 23.92 5.78
C LEU A 270 15.55 22.54 5.74
N HIS A 271 16.12 22.16 4.59
CA HIS A 271 16.89 20.90 4.40
C HIS A 271 18.39 21.20 4.49
N LEU A 272 19.12 20.43 5.30
CA LEU A 272 20.60 20.50 5.46
C LEU A 272 21.20 19.14 5.15
N THR A 273 21.87 19.00 3.99
CA THR A 273 22.62 17.80 3.56
C THR A 273 24.10 18.02 3.86
N LEU A 274 24.71 17.14 4.66
CA LEU A 274 26.16 17.14 4.97
C LEU A 274 26.91 16.39 3.86
N PHE A 275 27.97 17.00 3.32
CA PHE A 275 28.88 16.41 2.32
C PHE A 275 30.30 16.32 2.91
N GLY A 276 31.07 15.33 2.47
CA GLY A 276 32.48 15.12 2.85
C GLY A 276 33.36 14.92 1.64
N VAL A 277 34.27 15.86 1.37
CA VAL A 277 35.30 15.74 0.29
C VAL A 277 36.38 14.76 0.79
N LEU A 278 36.70 13.74 -0.02
CA LEU A 278 37.66 12.66 0.33
C LEU A 278 39.10 13.20 0.25
N ASN A 279 40.00 12.60 1.05
CA ASN A 279 41.45 12.88 1.04
C ASN A 279 42.11 12.06 -0.08
N GLN A 280 43.28 12.49 -0.56
CA GLN A 280 44.05 11.79 -1.63
C GLN A 280 44.66 10.51 -1.06
N SER A 281 43.83 9.48 -0.87
CA SER A 281 44.21 8.15 -0.32
C SER A 281 43.02 7.18 -0.45
N LYS A 293 37.40 10.91 -7.57
CA LYS A 293 36.00 10.74 -7.07
C LYS A 293 35.38 12.12 -6.79
N GLY A 294 34.10 12.13 -6.39
CA GLY A 294 33.35 13.36 -6.05
C GLY A 294 32.89 13.35 -4.59
N PRO A 295 32.53 14.52 -4.01
CA PRO A 295 32.01 14.59 -2.64
C PRO A 295 30.80 13.68 -2.40
N GLU A 296 30.78 12.98 -1.25
CA GLU A 296 29.75 11.98 -0.87
C GLU A 296 28.73 12.62 0.07
N ALA A 297 27.43 12.36 -0.17
CA ALA A 297 26.31 12.76 0.70
C ALA A 297 26.27 11.83 1.92
N LEU A 298 26.64 12.35 3.09
CA LEU A 298 26.78 11.56 4.35
C LEU A 298 25.40 11.38 5.00
N GLY A 299 24.60 12.45 5.07
CA GLY A 299 23.24 12.42 5.65
C GLY A 299 22.47 13.70 5.42
N LYS A 300 21.16 13.66 5.66
CA LYS A 300 20.21 14.80 5.49
C LYS A 300 19.57 15.14 6.85
N VAL A 301 19.17 16.39 7.03
CA VAL A 301 18.37 16.90 8.18
C VAL A 301 17.30 17.86 7.63
N SER A 302 16.13 17.89 8.26
CA SER A 302 14.99 18.76 7.87
C SER A 302 14.38 19.43 9.11
N LEU A 303 14.49 20.76 9.20
CA LEU A 303 13.88 21.60 10.26
C LEU A 303 12.64 22.31 9.68
N THR A 304 11.52 22.28 10.40
CA THR A 304 10.32 23.12 10.12
C THR A 304 10.59 24.52 10.69
N LEU A 305 10.43 25.55 9.87
CA LEU A 305 10.69 26.97 10.29
C LEU A 305 9.59 27.41 11.26
N PHE A 306 8.35 26.90 11.08
CA PHE A 306 7.22 27.08 12.03
C PHE A 306 6.94 25.74 12.73
N ASP A 307 6.74 25.80 14.06
CA ASP A 307 6.45 24.61 14.91
C ASP A 307 4.93 24.36 14.92
N PHE A 308 4.47 23.37 15.71
CA PHE A 308 3.09 22.84 15.68
C PHE A 308 2.07 23.87 16.20
N LYS A 309 2.54 24.93 16.88
CA LYS A 309 1.68 26.05 17.34
C LYS A 309 2.03 27.33 16.57
N ARG A 310 2.54 27.18 15.34
CA ARG A 310 2.68 28.26 14.31
C ARG A 310 3.71 29.32 14.75
N PHE A 311 4.59 29.02 15.71
CA PHE A 311 5.67 29.92 16.18
C PHE A 311 6.95 29.66 15.37
N LEU A 312 7.57 30.73 14.84
CA LEU A 312 8.84 30.67 14.07
C LEU A 312 9.96 30.18 14.99
N THR A 313 10.75 29.21 14.53
CA THR A 313 11.89 28.60 15.28
C THR A 313 12.91 29.69 15.61
N CYS A 314 13.20 29.87 16.91
CA CYS A 314 14.13 30.89 17.45
C CYS A 314 15.20 30.22 18.33
N GLY A 315 16.34 30.88 18.52
CA GLY A 315 17.46 30.39 19.35
C GLY A 315 18.12 29.16 18.74
N THR A 316 18.87 28.41 19.57
CA THR A 316 19.61 27.19 19.17
C THR A 316 18.61 26.03 19.02
N LYS A 317 18.69 25.30 17.90
CA LYS A 317 17.90 24.07 17.64
C LYS A 317 18.86 22.94 17.25
N LEU A 318 18.75 21.79 17.92
CA LEU A 318 19.58 20.58 17.67
C LEU A 318 18.77 19.61 16.80
N ALA A 319 19.34 19.20 15.66
CA ALA A 319 18.79 18.18 14.74
C ALA A 319 19.77 17.00 14.64
N TYR A 320 19.26 15.78 14.56
CA TYR A 320 20.03 14.51 14.60
C TYR A 320 19.93 13.80 13.24
N LEU A 321 21.06 13.72 12.52
CA LEU A 321 21.19 12.90 11.28
C LEU A 321 21.84 11.57 11.65
N TRP A 322 21.41 10.49 11.01
CA TRP A 322 21.83 9.09 11.30
C TRP A 322 22.67 8.53 10.16
N THR A 323 23.69 7.74 10.48
CA THR A 323 24.61 7.07 9.53
C THR A 323 24.91 5.65 10.03
N SER A 324 25.51 4.80 9.17
CA SER A 324 25.82 3.38 9.42
C SER A 324 24.56 2.62 9.83
N MET A 341 23.43 3.09 12.88
CA MET A 341 23.34 3.06 14.37
C MET A 341 24.12 4.23 15.00
N GLU A 342 24.62 5.17 14.19
CA GLU A 342 25.43 6.33 14.64
C GLU A 342 24.56 7.58 14.66
N ARG A 343 24.64 8.37 15.75
CA ARG A 343 23.79 9.57 16.00
C ARG A 343 24.68 10.81 16.01
N ILE A 344 24.60 11.63 14.96
CA ILE A 344 25.36 12.91 14.79
C ILE A 344 24.43 14.08 15.11
N VAL A 345 24.81 14.92 16.08
CA VAL A 345 24.04 16.13 16.51
C VAL A 345 24.55 17.33 15.69
N LEU A 346 23.67 17.97 14.93
CA LEU A 346 23.96 19.17 14.11
C LEU A 346 23.25 20.38 14.74
N GLN A 347 24.02 21.41 15.15
CA GLN A 347 23.49 22.63 15.82
C GLN A 347 23.25 23.72 14.77
N VAL A 348 22.01 24.23 14.71
CA VAL A 348 21.62 25.43 13.90
C VAL A 348 21.12 26.50 14.89
N ASP A 349 21.79 27.66 14.91
CA ASP A 349 21.41 28.82 15.77
C ASP A 349 20.59 29.81 14.95
N PHE A 350 19.29 29.89 15.23
CA PHE A 350 18.34 30.88 14.63
C PHE A 350 18.38 32.16 15.47
N PRO A 351 18.01 33.33 14.90
CA PRO A 351 17.87 34.55 15.69
C PRO A 351 16.88 34.36 16.86
N SER A 352 17.09 35.09 17.96
CA SER A 352 16.24 35.06 19.18
C SER A 352 15.93 36.49 19.63
N PRO A 353 14.95 37.18 18.99
CA PRO A 353 14.55 38.51 19.40
C PRO A 353 13.77 38.48 20.74
N ALA A 354 13.36 39.65 21.22
CA ALA A 354 12.64 39.84 22.51
C ALA A 354 11.15 39.52 22.32
N PHE A 355 10.72 39.13 21.11
CA PHE A 355 9.31 38.83 20.75
C PHE A 355 9.25 37.52 19.96
N ASP A 356 8.13 36.79 20.09
CA ASP A 356 7.84 35.54 19.35
C ASP A 356 7.06 35.87 18.08
N ILE A 357 7.54 35.39 16.91
CA ILE A 357 6.86 35.57 15.59
C ILE A 357 5.94 34.36 15.36
N ILE A 358 4.63 34.60 15.22
CA ILE A 358 3.59 33.55 14.98
C ILE A 358 3.04 33.70 13.56
N TYR A 359 2.75 32.58 12.90
CA TYR A 359 2.02 32.52 11.60
C TYR A 359 0.52 32.66 11.89
N THR A 360 -0.13 33.65 11.26
CA THR A 360 -1.60 33.86 11.28
C THR A 360 -2.12 33.75 9.84
N SER A 361 -3.07 32.84 9.59
CA SER A 361 -3.72 32.62 8.27
C SER A 361 -4.37 33.91 7.80
N PRO A 362 -4.49 34.14 6.46
CA PRO A 362 -5.13 35.34 5.94
C PRO A 362 -6.63 35.35 6.29
N GLN A 363 -7.18 36.55 6.55
CA GLN A 363 -8.60 36.74 6.95
C GLN A 363 -9.51 36.09 5.91
N ILE A 364 -10.49 35.29 6.36
CA ILE A 364 -11.37 34.44 5.49
C ILE A 364 -12.09 35.35 4.47
N ASP A 365 -12.20 34.87 3.23
CA ASP A 365 -12.97 35.55 2.15
C ASP A 365 -14.35 34.89 2.06
N ARG A 366 -15.29 35.35 2.89
CA ARG A 366 -16.68 34.82 2.96
C ARG A 366 -17.43 35.26 1.68
N ASN A 367 -17.14 34.57 0.57
CA ASN A 367 -17.63 34.92 -0.79
C ASN A 367 -18.20 33.67 -1.45
N ILE A 368 -19.41 33.77 -2.02
CA ILE A 368 -20.09 32.69 -2.79
C ILE A 368 -20.27 33.17 -4.23
N ILE A 369 -19.55 32.53 -5.17
CA ILE A 369 -19.51 32.91 -6.61
C ILE A 369 -20.64 32.17 -7.33
N GLN A 370 -21.79 32.82 -7.51
CA GLN A 370 -23.00 32.27 -8.19
C GLN A 370 -22.87 32.51 -9.69
N LYS A 373 -27.36 30.55 -10.19
CA LYS A 373 -25.94 30.78 -10.60
C LYS A 373 -25.90 31.37 -12.01
N LEU A 374 -25.29 32.56 -12.16
CA LEU A 374 -25.13 33.27 -13.46
C LEU A 374 -23.69 33.76 -13.61
N GLU A 375 -22.96 33.19 -14.58
CA GLU A 375 -21.59 33.63 -14.99
C GLU A 375 -21.59 33.87 -16.50
N THR A 376 -20.64 34.67 -17.00
CA THR A 376 -20.45 34.98 -18.44
C THR A 376 -19.97 33.72 -19.17
N LEU A 377 -20.66 33.34 -20.26
CA LEU A 377 -20.45 32.07 -21.00
C LEU A 377 -19.86 32.38 -22.39
N GLU A 378 -18.66 31.85 -22.67
CA GLU A 378 -18.05 31.78 -24.04
C GLU A 378 -17.98 30.30 -24.44
N SER A 379 -18.30 30.00 -25.70
CA SER A 379 -18.54 28.63 -26.22
C SER A 379 -17.23 27.98 -26.69
N ASP A 380 -16.27 28.77 -27.18
CA ASP A 380 -14.97 28.28 -27.70
C ASP A 380 -14.04 27.92 -26.54
N ILE A 381 -14.12 28.63 -25.42
CA ILE A 381 -13.35 28.35 -24.17
C ILE A 381 -13.94 27.12 -23.49
N LYS A 382 -15.27 26.96 -23.57
CA LYS A 382 -16.04 25.82 -22.98
C LYS A 382 -15.47 24.51 -23.52
N GLY A 383 -15.14 24.48 -24.82
CA GLY A 383 -14.53 23.32 -25.49
C GLY A 383 -13.16 22.97 -24.92
N LYS A 384 -12.26 23.97 -24.86
CA LYS A 384 -10.86 23.79 -24.40
C LYS A 384 -10.84 23.47 -22.89
N LEU A 385 -11.79 24.00 -22.12
CA LEU A 385 -11.88 23.82 -20.65
C LEU A 385 -12.29 22.37 -20.34
N LEU A 386 -13.41 21.89 -20.91
CA LEU A 386 -13.94 20.53 -20.67
C LEU A 386 -13.00 19.48 -21.28
N ASP A 387 -12.13 19.87 -22.22
CA ASP A 387 -11.07 19.00 -22.80
C ASP A 387 -10.05 18.63 -21.71
N ILE A 388 -9.61 19.61 -20.91
CA ILE A 388 -8.57 19.43 -19.85
C ILE A 388 -9.24 18.93 -18.55
N ILE A 389 -10.52 19.26 -18.32
CA ILE A 389 -11.32 18.75 -17.17
C ILE A 389 -11.40 17.23 -17.28
N HIS A 390 -11.60 16.70 -18.50
CA HIS A 390 -11.73 15.25 -18.80
C HIS A 390 -10.39 14.68 -19.28
N ARG A 391 -9.27 15.36 -18.97
CA ARG A 391 -7.89 14.85 -19.19
C ARG A 391 -7.61 13.78 -18.12
N ASP A 392 -6.75 12.81 -18.44
CA ASP A 392 -6.48 11.62 -17.59
C ASP A 392 -6.00 12.08 -16.21
N SER A 393 -5.06 13.03 -16.16
CA SER A 393 -4.36 13.49 -14.93
C SER A 393 -3.80 14.90 -15.14
N SER A 394 -3.10 15.43 -14.12
CA SER A 394 -2.40 16.75 -14.14
C SER A 394 -0.91 16.55 -14.44
N PHE A 395 -0.54 15.42 -15.06
CA PHE A 395 0.87 14.96 -15.19
C PHE A 395 1.61 15.80 -16.23
N GLY A 396 1.22 15.70 -17.50
CA GLY A 396 1.89 16.38 -18.64
C GLY A 396 1.25 17.73 -18.95
N LEU A 397 0.54 18.32 -17.99
CA LEU A 397 -0.18 19.61 -18.14
C LEU A 397 0.85 20.74 -18.33
N SER A 398 0.84 21.39 -19.48
CA SER A 398 1.79 22.47 -19.87
C SER A 398 1.39 23.77 -19.17
N LYS A 399 2.24 24.80 -19.26
CA LYS A 399 2.10 26.07 -18.51
C LYS A 399 0.87 26.85 -19.00
N GLU A 400 0.63 26.87 -20.32
CA GLU A 400 -0.49 27.61 -20.96
C GLU A 400 -1.82 26.93 -20.62
N ASP A 401 -1.81 25.61 -20.42
CA ASP A 401 -3.00 24.81 -20.02
C ASP A 401 -3.39 25.17 -18.57
N LYS A 402 -2.40 25.46 -17.72
CA LYS A 402 -2.59 25.76 -16.28
C LYS A 402 -3.17 27.18 -16.12
N VAL A 403 -2.55 28.18 -16.75
CA VAL A 403 -2.98 29.61 -16.66
C VAL A 403 -4.45 29.71 -17.08
N PHE A 404 -4.85 28.93 -18.09
CA PHE A 404 -6.22 28.86 -18.64
C PHE A 404 -7.18 28.32 -17.58
N LEU A 405 -6.90 27.12 -17.05
CA LEU A 405 -7.74 26.43 -16.03
C LEU A 405 -7.89 27.32 -14.80
N TRP A 406 -6.77 27.88 -14.32
CA TRP A 406 -6.72 28.76 -13.12
C TRP A 406 -7.66 29.96 -13.33
N GLU A 407 -7.69 30.54 -14.54
CA GLU A 407 -8.53 31.71 -14.89
C GLU A 407 -10.01 31.28 -14.93
N ASN A 408 -10.29 30.07 -15.44
CA ASN A 408 -11.66 29.52 -15.62
C ASN A 408 -11.93 28.44 -14.56
N ARG A 409 -11.40 28.62 -13.34
CA ARG A 409 -11.48 27.62 -12.24
C ARG A 409 -12.91 27.56 -11.68
N TYR A 410 -13.59 28.71 -11.63
CA TYR A 410 -14.92 28.89 -10.98
C TYR A 410 -16.04 28.33 -11.89
N TYR A 411 -15.70 27.95 -13.14
CA TYR A 411 -16.62 27.28 -14.09
C TYR A 411 -16.59 25.77 -13.91
N CYS A 412 -15.59 25.24 -13.20
CA CYS A 412 -15.31 23.79 -13.03
C CYS A 412 -15.94 23.24 -11.75
N LEU A 413 -16.81 24.00 -11.08
CA LEU A 413 -17.33 23.68 -9.72
C LEU A 413 -18.36 22.53 -9.79
N LYS A 414 -18.78 22.10 -10.99
CA LYS A 414 -19.73 20.98 -11.19
C LYS A 414 -18.97 19.70 -11.61
N HIS A 415 -17.63 19.76 -11.68
CA HIS A 415 -16.73 18.60 -11.84
C HIS A 415 -15.74 18.58 -10.66
N PRO A 416 -16.11 18.01 -9.49
CA PRO A 416 -15.26 18.08 -8.30
C PRO A 416 -13.90 17.38 -8.43
N ASN A 417 -13.82 16.32 -9.25
CA ASN A 417 -12.63 15.42 -9.32
C ASN A 417 -11.46 16.09 -10.06
N CYS A 418 -11.64 17.31 -10.58
CA CYS A 418 -10.61 18.07 -11.33
C CYS A 418 -9.97 19.16 -10.44
N LEU A 419 -10.16 19.09 -9.12
CA LEU A 419 -9.58 20.07 -8.16
C LEU A 419 -8.07 19.93 -8.10
N PRO A 420 -7.51 18.69 -8.03
CA PRO A 420 -6.06 18.49 -8.06
C PRO A 420 -5.38 19.11 -9.30
N LYS A 421 -6.10 19.15 -10.44
CA LYS A 421 -5.64 19.82 -11.69
C LYS A 421 -5.60 21.34 -11.47
N ILE A 422 -6.59 21.89 -10.76
CA ILE A 422 -6.74 23.35 -10.50
C ILE A 422 -5.65 23.81 -9.52
N LEU A 423 -5.48 23.11 -8.39
CA LEU A 423 -4.51 23.49 -7.32
C LEU A 423 -3.08 23.41 -7.84
N ALA A 424 -2.80 22.50 -8.78
CA ALA A 424 -1.48 22.31 -9.43
C ALA A 424 -1.24 23.40 -10.48
N SER A 425 -2.29 24.14 -10.86
CA SER A 425 -2.27 25.25 -11.86
C SER A 425 -2.10 26.61 -11.18
N ALA A 426 -2.13 26.65 -9.84
CA ALA A 426 -1.97 27.88 -9.02
C ALA A 426 -0.64 28.55 -9.35
N PRO A 427 -0.60 29.89 -9.54
CA PRO A 427 0.64 30.59 -9.89
C PRO A 427 1.68 30.55 -8.76
N ASN A 428 1.22 30.48 -7.50
CA ASN A 428 2.07 30.52 -6.28
C ASN A 428 1.20 30.20 -5.06
N TRP A 429 1.84 30.06 -3.89
CA TRP A 429 1.17 29.95 -2.56
C TRP A 429 1.61 31.11 -1.68
N LYS A 430 1.60 32.33 -2.25
CA LYS A 430 1.88 33.60 -1.53
C LYS A 430 0.73 33.89 -0.56
N TRP A 431 1.04 34.47 0.60
CA TRP A 431 0.10 34.74 1.72
C TRP A 431 -1.15 35.47 1.21
N ALA A 432 -0.96 36.43 0.29
CA ALA A 432 -2.04 37.26 -0.31
C ALA A 432 -3.01 36.38 -1.13
N ASN A 433 -2.48 35.41 -1.86
CA ASN A 433 -3.23 34.59 -2.85
C ASN A 433 -3.81 33.32 -2.20
N LEU A 434 -3.77 33.21 -0.86
CA LEU A 434 -4.31 32.05 -0.10
C LEU A 434 -5.81 32.25 0.17
N ALA A 435 -6.25 33.49 0.42
CA ALA A 435 -7.65 33.85 0.72
C ALA A 435 -8.58 33.39 -0.41
N LYS A 436 -8.18 33.63 -1.67
CA LYS A 436 -8.94 33.25 -2.89
C LYS A 436 -8.95 31.72 -3.06
N THR A 437 -7.89 31.04 -2.63
CA THR A 437 -7.72 29.57 -2.73
C THR A 437 -8.60 28.88 -1.69
N TYR A 438 -8.56 29.35 -0.44
CA TYR A 438 -9.37 28.83 0.69
C TYR A 438 -10.85 29.10 0.44
N SER A 439 -11.18 30.23 -0.19
CA SER A 439 -12.57 30.63 -0.57
C SER A 439 -13.18 29.58 -1.49
N LEU A 440 -12.44 29.18 -2.54
CA LEU A 440 -12.86 28.14 -3.52
C LEU A 440 -12.96 26.77 -2.81
N LEU A 441 -11.92 26.39 -2.07
CA LEU A 441 -11.78 25.07 -1.41
C LEU A 441 -12.98 24.78 -0.51
N HIS A 442 -13.41 25.76 0.30
CA HIS A 442 -14.45 25.58 1.35
C HIS A 442 -15.86 25.76 0.78
N GLN A 443 -15.99 26.12 -0.50
CA GLN A 443 -17.29 26.13 -1.24
C GLN A 443 -17.28 25.04 -2.33
N TRP A 444 -16.22 24.22 -2.38
CA TRP A 444 -16.00 23.17 -3.40
C TRP A 444 -16.79 21.92 -3.02
N PRO A 445 -17.40 21.18 -3.98
CA PRO A 445 -18.16 19.97 -3.67
C PRO A 445 -17.24 18.81 -3.26
N PRO A 446 -17.75 17.81 -2.51
CA PRO A 446 -16.91 16.70 -2.04
C PRO A 446 -16.30 15.87 -3.17
N LEU A 447 -15.00 15.57 -3.07
CA LEU A 447 -14.22 14.77 -4.05
C LEU A 447 -14.43 13.27 -3.78
N CYS A 448 -14.14 12.43 -4.79
CA CYS A 448 -14.00 10.96 -4.66
C CYS A 448 -12.77 10.67 -3.81
N PRO A 449 -12.85 9.78 -2.80
CA PRO A 449 -11.70 9.46 -1.95
C PRO A 449 -10.42 9.13 -2.73
N LEU A 450 -10.55 8.39 -3.84
CA LEU A 450 -9.43 7.96 -4.71
C LEU A 450 -8.84 9.15 -5.46
N ALA A 451 -9.66 10.16 -5.75
CA ALA A 451 -9.24 11.44 -6.38
C ALA A 451 -8.51 12.31 -5.35
N ALA A 452 -8.98 12.30 -4.10
CA ALA A 452 -8.46 13.11 -2.97
C ALA A 452 -7.06 12.62 -2.56
N LEU A 453 -6.69 11.38 -2.90
CA LEU A 453 -5.35 10.78 -2.63
C LEU A 453 -4.25 11.72 -3.15
N GLU A 454 -4.46 12.36 -4.30
CA GLU A 454 -3.47 13.26 -4.96
C GLU A 454 -3.14 14.45 -4.05
N LEU A 455 -4.11 14.89 -3.24
CA LEU A 455 -3.97 16.07 -2.33
C LEU A 455 -3.13 15.70 -1.09
N LEU A 456 -2.86 14.41 -0.87
CA LEU A 456 -2.02 13.91 0.25
C LEU A 456 -0.60 13.58 -0.25
N ASP A 457 -0.27 13.93 -1.50
CA ASP A 457 1.08 13.74 -2.10
C ASP A 457 1.96 14.92 -1.66
N ALA A 458 3.24 14.92 -2.08
CA ALA A 458 4.28 15.90 -1.69
C ALA A 458 3.92 17.30 -2.21
N LYS A 459 3.35 17.38 -3.41
CA LYS A 459 3.13 18.65 -4.17
C LYS A 459 2.00 19.49 -3.56
N PHE A 460 1.34 19.01 -2.50
CA PHE A 460 0.30 19.74 -1.73
C PHE A 460 0.60 19.62 -0.23
N ALA A 461 1.36 20.58 0.31
CA ALA A 461 1.83 20.62 1.71
C ALA A 461 0.87 21.43 2.59
N ASP A 462 0.02 22.27 1.99
CA ASP A 462 -0.92 23.19 2.69
C ASP A 462 -1.83 22.36 3.62
N GLN A 463 -1.98 22.80 4.88
CA GLN A 463 -2.74 22.08 5.93
CA GLN A 463 -2.74 22.07 5.92
C GLN A 463 -4.24 22.10 5.60
N GLU A 464 -4.74 23.23 5.08
CA GLU A 464 -6.18 23.43 4.75
C GLU A 464 -6.58 22.49 3.61
N VAL A 465 -5.68 22.22 2.67
CA VAL A 465 -5.92 21.28 1.52
C VAL A 465 -5.91 19.85 2.05
N ARG A 466 -4.87 19.48 2.82
CA ARG A 466 -4.64 18.11 3.34
C ARG A 466 -5.77 17.72 4.32
N SER A 467 -6.12 18.63 5.25
CA SER A 467 -7.20 18.45 6.25
C SER A 467 -8.54 18.25 5.54
N LEU A 468 -8.73 18.92 4.40
CA LEU A 468 -9.97 18.85 3.58
C LEU A 468 -9.97 17.56 2.74
N ALA A 469 -8.79 17.13 2.27
CA ALA A 469 -8.58 15.86 1.54
C ALA A 469 -8.95 14.67 2.44
N VAL A 470 -8.59 14.75 3.72
CA VAL A 470 -8.84 13.69 4.75
C VAL A 470 -10.34 13.65 5.09
N SER A 471 -11.00 14.81 5.12
CA SER A 471 -12.44 14.95 5.44
C SER A 471 -13.28 14.29 4.35
N TRP A 472 -12.89 14.46 3.07
CA TRP A 472 -13.51 13.79 1.90
C TRP A 472 -13.19 12.29 1.95
N MET A 473 -11.99 11.93 2.44
CA MET A 473 -11.47 10.54 2.51
C MET A 473 -12.35 9.71 3.45
N GLU A 474 -12.92 10.31 4.50
CA GLU A 474 -13.75 9.62 5.52
C GLU A 474 -14.92 8.87 4.88
N ALA A 475 -15.30 9.24 3.65
CA ALA A 475 -16.37 8.60 2.85
C ALA A 475 -15.97 7.18 2.42
N ILE A 476 -14.67 6.88 2.33
CA ILE A 476 -14.14 5.57 1.86
C ILE A 476 -14.49 4.48 2.88
N SER A 477 -14.72 3.25 2.41
CA SER A 477 -15.00 2.05 3.23
C SER A 477 -13.68 1.47 3.77
N ASP A 478 -13.74 0.76 4.89
CA ASP A 478 -12.57 0.10 5.54
C ASP A 478 -11.98 -0.94 4.58
N ASP A 479 -12.83 -1.64 3.84
CA ASP A 479 -12.44 -2.78 2.96
C ASP A 479 -11.64 -2.26 1.75
N GLU A 480 -11.96 -1.05 1.26
CA GLU A 480 -11.23 -0.38 0.16
C GLU A 480 -9.93 0.22 0.71
N LEU A 481 -9.99 0.86 1.89
CA LEU A 481 -8.83 1.51 2.57
C LEU A 481 -7.75 0.47 2.87
N ALA A 482 -8.14 -0.73 3.34
CA ALA A 482 -7.26 -1.81 3.80
C ALA A 482 -6.16 -2.12 2.77
N ASP A 483 -6.49 -2.07 1.48
CA ASP A 483 -5.57 -2.43 0.36
C ASP A 483 -4.80 -1.20 -0.13
N LEU A 484 -5.08 0.00 0.41
CA LEU A 484 -4.43 1.28 0.01
C LEU A 484 -3.50 1.79 1.12
N LEU A 485 -3.39 1.07 2.25
CA LEU A 485 -2.71 1.54 3.49
C LEU A 485 -1.23 1.85 3.24
N PRO A 486 -0.48 1.05 2.43
CA PRO A 486 0.93 1.35 2.18
C PRO A 486 1.17 2.79 1.69
N GLN A 487 0.32 3.27 0.78
CA GLN A 487 0.39 4.64 0.19
C GLN A 487 0.10 5.68 1.28
N PHE A 488 -0.89 5.39 2.14
CA PHE A 488 -1.33 6.28 3.26
C PHE A 488 -0.22 6.42 4.30
N VAL A 489 0.55 5.35 4.55
CA VAL A 489 1.68 5.33 5.53
C VAL A 489 2.82 6.19 4.98
N GLN A 490 3.09 6.14 3.67
CA GLN A 490 4.13 6.95 2.99
C GLN A 490 3.71 8.43 2.97
N ALA A 491 2.40 8.70 2.87
CA ALA A 491 1.81 10.06 2.81
C ALA A 491 2.08 10.82 4.12
N LEU A 492 2.36 10.11 5.22
CA LEU A 492 2.70 10.70 6.54
C LEU A 492 4.02 11.49 6.45
N LYS A 493 4.91 11.15 5.51
CA LYS A 493 6.22 11.82 5.31
C LYS A 493 6.02 13.26 4.84
N TYR A 494 4.84 13.57 4.27
CA TYR A 494 4.49 14.92 3.73
C TYR A 494 3.65 15.69 4.76
N GLU A 495 3.41 15.11 5.94
CA GLU A 495 2.89 15.81 7.14
C GLU A 495 4.08 16.21 8.02
N ILE A 496 4.39 17.51 8.10
CA ILE A 496 5.59 18.06 8.79
C ILE A 496 5.39 18.04 10.31
N TYR A 497 4.13 17.99 10.77
CA TYR A 497 3.75 17.96 12.21
C TYR A 497 3.24 16.55 12.58
N LEU A 498 3.68 16.05 13.74
CA LEU A 498 3.33 14.70 14.27
C LEU A 498 1.80 14.55 14.27
N ASN A 499 1.11 15.45 14.95
CA ASN A 499 -0.38 15.48 15.05
C ASN A 499 -0.94 16.12 13.77
N SER A 500 -1.53 15.29 12.91
CA SER A 500 -2.15 15.68 11.60
C SER A 500 -3.56 15.06 11.50
N SER A 501 -4.35 15.52 10.53
CA SER A 501 -5.68 14.96 10.18
C SER A 501 -5.51 13.52 9.68
N LEU A 502 -4.44 13.27 8.92
CA LEU A 502 -4.13 11.96 8.25
C LEU A 502 -3.88 10.89 9.33
N VAL A 503 -2.99 11.15 10.29
CA VAL A 503 -2.57 10.16 11.32
C VAL A 503 -3.76 9.86 12.24
N ARG A 504 -4.58 10.86 12.55
CA ARG A 504 -5.81 10.72 13.39
C ARG A 504 -6.85 9.90 12.63
N PHE A 505 -6.94 10.09 11.31
CA PHE A 505 -7.83 9.33 10.38
C PHE A 505 -7.42 7.85 10.41
N LEU A 506 -6.14 7.56 10.24
CA LEU A 506 -5.59 6.17 10.20
C LEU A 506 -5.80 5.49 11.56
N LEU A 507 -5.51 6.20 12.66
CA LEU A 507 -5.66 5.68 14.05
C LEU A 507 -7.14 5.43 14.36
N SER A 508 -8.03 6.29 13.86
CA SER A 508 -9.51 6.17 14.02
C SER A 508 -10.01 4.88 13.35
N ARG A 509 -9.57 4.63 12.11
CA ARG A 509 -9.96 3.43 11.30
C ARG A 509 -9.33 2.17 11.91
N ALA A 510 -8.09 2.27 12.41
CA ALA A 510 -7.34 1.18 13.09
C ALA A 510 -8.13 0.70 14.31
N LEU A 511 -8.65 1.63 15.11
CA LEU A 511 -9.48 1.37 16.31
C LEU A 511 -10.75 0.60 15.91
N GLY A 512 -11.42 1.04 14.84
CA GLY A 512 -12.74 0.56 14.42
C GLY A 512 -12.69 -0.71 13.57
N ASN A 513 -11.49 -1.16 13.17
CA ASN A 513 -11.29 -2.32 12.27
C ASN A 513 -9.93 -2.97 12.56
N ILE A 514 -9.94 -4.25 12.95
CA ILE A 514 -8.76 -5.00 13.46
C ILE A 514 -7.82 -5.35 12.28
N GLN A 515 -8.36 -5.51 11.07
CA GLN A 515 -7.56 -5.83 9.85
C GLN A 515 -6.71 -4.62 9.45
N ILE A 516 -7.24 -3.39 9.62
CA ILE A 516 -6.54 -2.11 9.30
C ILE A 516 -5.43 -1.89 10.33
N ALA A 517 -5.73 -2.06 11.62
CA ALA A 517 -4.77 -1.94 12.75
C ALA A 517 -3.61 -2.91 12.55
N HIS A 518 -3.92 -4.16 12.20
CA HIS A 518 -2.95 -5.27 11.95
C HIS A 518 -2.03 -4.89 10.78
N SER A 519 -2.60 -4.40 9.68
CA SER A 519 -1.88 -3.99 8.45
C SER A 519 -0.98 -2.78 8.75
N LEU A 520 -1.51 -1.78 9.47
CA LEU A 520 -0.78 -0.54 9.85
C LEU A 520 0.46 -0.91 10.67
N TYR A 521 0.35 -1.87 11.59
CA TYR A 521 1.45 -2.34 12.48
C TYR A 521 2.67 -2.70 11.62
N TRP A 522 2.50 -3.62 10.68
CA TRP A 522 3.59 -4.20 9.84
C TRP A 522 4.15 -3.13 8.89
N LEU A 523 3.29 -2.23 8.39
CA LEU A 523 3.67 -1.14 7.44
C LEU A 523 4.51 -0.09 8.18
N LEU A 524 4.10 0.28 9.41
CA LEU A 524 4.81 1.26 10.27
C LEU A 524 6.13 0.66 10.76
N LYS A 525 6.14 -0.65 11.07
CA LYS A 525 7.33 -1.40 11.56
C LYS A 525 8.41 -1.39 10.48
N ASP A 526 8.01 -1.52 9.21
CA ASP A 526 8.92 -1.48 8.02
C ASP A 526 9.43 -0.05 7.80
N ALA A 527 8.56 0.95 8.02
CA ALA A 527 8.83 2.39 7.80
C ALA A 527 9.87 2.91 8.80
N LEU A 528 10.02 2.25 9.96
CA LEU A 528 10.98 2.62 11.04
C LEU A 528 12.42 2.61 10.50
N HIS A 529 12.71 1.78 9.50
CA HIS A 529 14.07 1.58 8.93
C HIS A 529 14.50 2.80 8.10
N ASP A 530 13.56 3.69 7.75
CA ASP A 530 13.85 4.99 7.08
C ASP A 530 14.73 5.83 8.03
N THR A 531 15.96 6.16 7.59
CA THR A 531 16.99 6.88 8.38
C THR A 531 16.50 8.30 8.73
N HIS A 532 15.73 8.93 7.84
CA HIS A 532 15.24 10.33 7.97
C HIS A 532 13.95 10.38 8.81
N PHE A 533 13.01 9.46 8.55
CA PHE A 533 11.62 9.51 9.07
C PHE A 533 11.35 8.40 10.10
N GLY A 534 12.39 7.63 10.48
CA GLY A 534 12.30 6.56 11.50
C GLY A 534 11.82 7.10 12.84
N SER A 535 12.20 8.34 13.18
CA SER A 535 11.85 9.05 14.43
C SER A 535 10.34 9.31 14.50
N ARG A 536 9.75 9.76 13.39
CA ARG A 536 8.30 10.10 13.27
C ARG A 536 7.46 8.82 13.43
N TYR A 537 7.76 7.78 12.65
CA TYR A 537 7.02 6.49 12.60
C TYR A 537 7.10 5.78 13.95
N GLU A 538 8.18 6.01 14.71
CA GLU A 538 8.37 5.51 16.10
C GLU A 538 7.20 5.97 16.97
N HIS A 539 6.87 7.27 16.90
CA HIS A 539 5.79 7.92 17.70
C HIS A 539 4.42 7.41 17.24
N VAL A 540 4.24 7.20 15.93
CA VAL A 540 2.95 6.80 15.29
C VAL A 540 2.63 5.34 15.69
N LEU A 541 3.63 4.45 15.62
CA LEU A 541 3.49 3.01 15.96
C LEU A 541 3.23 2.86 17.46
N GLY A 542 3.89 3.67 18.29
CA GLY A 542 3.67 3.74 19.75
C GLY A 542 2.24 4.13 20.08
N ALA A 543 1.67 5.06 19.32
CA ALA A 543 0.26 5.53 19.45
C ALA A 543 -0.70 4.41 19.04
N LEU A 544 -0.39 3.68 17.96
CA LEU A 544 -1.20 2.55 17.44
C LEU A 544 -1.21 1.41 18.47
N LEU A 545 -0.04 0.98 18.93
CA LEU A 545 0.13 -0.16 19.88
C LEU A 545 -0.59 0.17 21.20
N SER A 546 -0.41 1.38 21.72
CA SER A 546 -1.01 1.88 22.98
C SER A 546 -2.55 1.85 22.87
N VAL A 547 -3.09 2.31 21.74
CA VAL A 547 -4.55 2.52 21.51
C VAL A 547 -5.21 1.20 21.12
N GLY A 548 -4.42 0.23 20.63
CA GLY A 548 -4.90 -1.10 20.17
C GLY A 548 -5.44 -1.94 21.33
N GLY A 549 -4.85 -1.81 22.52
CA GLY A 549 -5.23 -2.55 23.74
C GLY A 549 -4.32 -3.73 24.00
N LYS A 550 -4.38 -4.28 25.22
CA LYS A 550 -3.52 -5.40 25.70
C LYS A 550 -3.73 -6.62 24.82
N GLY A 551 -4.98 -6.93 24.47
CA GLY A 551 -5.37 -8.10 23.65
C GLY A 551 -4.64 -8.13 22.32
N LEU A 552 -4.74 -7.07 21.52
CA LEU A 552 -4.11 -6.93 20.19
C LEU A 552 -2.58 -6.94 20.33
N ARG A 553 -2.04 -6.18 21.29
CA ARG A 553 -0.59 -6.04 21.55
C ARG A 553 0.04 -7.42 21.81
N GLU A 554 -0.54 -8.18 22.73
CA GLU A 554 -0.01 -9.50 23.19
C GLU A 554 -0.01 -10.48 22.00
N GLU A 555 -0.97 -10.34 21.08
CA GLU A 555 -1.12 -11.21 19.88
C GLU A 555 -0.06 -10.82 18.84
N LEU A 556 0.14 -9.51 18.62
CA LEU A 556 1.16 -8.96 17.68
C LEU A 556 2.57 -9.35 18.14
N SER A 557 2.78 -9.42 19.46
CA SER A 557 4.06 -9.84 20.09
C SER A 557 4.37 -11.31 19.74
N LYS A 558 3.36 -12.18 19.81
CA LYS A 558 3.45 -13.62 19.45
C LYS A 558 3.81 -13.73 17.96
N GLN A 559 3.19 -12.90 17.12
CA GLN A 559 3.43 -12.86 15.64
C GLN A 559 4.87 -12.39 15.37
N MET A 560 5.34 -11.38 16.12
CA MET A 560 6.71 -10.80 16.01
C MET A 560 7.76 -11.86 16.39
N LYS A 561 7.46 -12.69 17.40
CA LYS A 561 8.38 -13.72 17.92
C LYS A 561 8.47 -14.87 16.90
N LEU A 562 7.33 -15.26 16.31
CA LEU A 562 7.24 -16.37 15.31
C LEU A 562 8.11 -16.03 14.09
N VAL A 563 7.97 -14.83 13.55
CA VAL A 563 8.74 -14.36 12.34
C VAL A 563 10.23 -14.25 12.70
N GLN A 564 10.55 -13.85 13.94
CA GLN A 564 11.94 -13.76 14.45
C GLN A 564 12.56 -15.16 14.54
N LEU A 565 11.77 -16.17 14.91
CA LEU A 565 12.20 -17.59 14.98
C LEU A 565 12.28 -18.17 13.56
N LEU A 566 11.25 -17.96 12.74
CA LEU A 566 11.21 -18.37 11.31
C LEU A 566 12.36 -17.68 10.55
N GLY A 567 12.71 -16.45 10.96
CA GLY A 567 13.86 -15.70 10.42
C GLY A 567 15.18 -16.39 10.76
N GLY A 568 15.32 -16.84 12.01
CA GLY A 568 16.54 -17.52 12.51
C GLY A 568 16.83 -18.80 11.76
N VAL A 569 15.85 -19.70 11.66
CA VAL A 569 15.94 -20.99 10.91
C VAL A 569 16.22 -20.72 9.43
N ALA A 570 15.55 -19.72 8.84
CA ALA A 570 15.61 -19.39 7.39
C ALA A 570 17.06 -19.11 6.98
N GLU A 571 17.78 -18.28 7.75
CA GLU A 571 19.18 -17.87 7.47
C GLU A 571 20.14 -18.97 7.94
N LYS A 572 19.79 -19.75 8.96
CA LYS A 572 20.55 -20.93 9.43
C LYS A 572 20.57 -22.00 8.32
N VAL A 573 19.43 -22.18 7.63
CA VAL A 573 19.25 -23.17 6.53
C VAL A 573 20.17 -22.80 5.35
N ARG A 574 20.20 -21.51 4.98
CA ARG A 574 20.95 -20.99 3.80
C ARG A 574 22.46 -20.98 4.08
N GLN A 575 22.88 -21.10 5.35
CA GLN A 575 24.29 -20.95 5.79
C GLN A 575 24.96 -22.33 5.96
N ALA A 576 24.29 -23.42 5.54
CA ALA A 576 24.76 -24.81 5.71
C ALA A 576 24.94 -25.50 4.35
N SER A 577 25.54 -26.69 4.35
CA SER A 577 25.76 -27.54 3.14
C SER A 577 24.51 -28.39 2.86
N GLY A 578 24.39 -28.91 1.64
CA GLY A 578 23.21 -29.65 1.14
C GLY A 578 22.77 -30.76 2.09
N SER A 579 23.71 -31.60 2.53
CA SER A 579 23.49 -32.71 3.50
C SER A 579 23.07 -32.15 4.86
N THR A 580 23.68 -31.03 5.27
CA THR A 580 23.47 -30.36 6.57
C THR A 580 22.09 -29.69 6.62
N ARG A 581 21.65 -29.09 5.50
CA ARG A 581 20.43 -28.24 5.39
C ARG A 581 19.21 -28.96 5.97
N GLN A 582 18.95 -30.20 5.54
CA GLN A 582 17.75 -30.98 5.95
C GLN A 582 17.79 -31.22 7.47
N VAL A 583 18.98 -31.51 8.03
CA VAL A 583 19.19 -31.76 9.48
C VAL A 583 19.07 -30.44 10.24
N VAL A 584 19.65 -29.36 9.69
CA VAL A 584 19.62 -27.98 10.27
C VAL A 584 18.15 -27.54 10.44
N LEU A 585 17.34 -27.69 9.39
CA LEU A 585 15.90 -27.32 9.38
C LEU A 585 15.18 -28.08 10.50
N GLN A 586 15.32 -29.41 10.51
CA GLN A 586 14.63 -30.33 11.47
C GLN A 586 15.01 -29.98 12.91
N LYS A 587 16.24 -29.48 13.14
CA LYS A 587 16.77 -29.13 14.49
C LYS A 587 16.44 -27.67 14.82
N SER A 588 16.55 -26.76 13.85
CA SER A 588 16.25 -25.31 14.00
C SER A 588 14.74 -25.10 14.23
N MET A 589 13.90 -25.99 13.69
CA MET A 589 12.42 -25.94 13.80
C MET A 589 11.97 -26.41 15.19
N GLU A 590 12.86 -27.01 15.98
CA GLU A 590 12.58 -27.48 17.37
C GLU A 590 12.25 -26.27 18.26
N ARG A 591 12.92 -25.14 18.02
CA ARG A 591 12.72 -23.87 18.77
C ARG A 591 11.36 -23.26 18.39
N VAL A 592 10.89 -23.53 17.16
CA VAL A 592 9.53 -23.14 16.67
C VAL A 592 8.50 -24.13 17.24
N GLN A 593 8.87 -25.41 17.35
CA GLN A 593 8.03 -26.47 17.99
C GLN A 593 7.82 -26.12 19.47
N SER A 594 8.88 -25.63 20.13
CA SER A 594 8.85 -25.15 21.54
C SER A 594 7.86 -23.97 21.67
N PHE A 595 7.96 -23.00 20.76
CA PHE A 595 7.13 -21.75 20.73
C PHE A 595 5.64 -22.11 20.71
N PHE A 596 5.25 -23.08 19.87
CA PHE A 596 3.84 -23.46 19.60
C PHE A 596 3.25 -24.29 20.75
N LEU A 597 4.10 -24.84 21.63
CA LEU A 597 3.66 -25.65 22.79
C LEU A 597 3.46 -24.77 24.02
N ARG A 598 3.92 -23.51 23.98
CA ARG A 598 3.68 -22.50 25.06
C ARG A 598 2.77 -21.37 24.55
N ASN A 599 2.56 -21.26 23.23
CA ASN A 599 1.71 -20.21 22.60
C ASN A 599 0.96 -20.79 21.39
N LYS A 600 -0.24 -20.28 21.12
CA LYS A 600 -0.98 -20.47 19.84
C LYS A 600 -1.03 -19.13 19.12
N CYS A 601 -0.42 -19.06 17.92
CA CYS A 601 -0.13 -17.81 17.18
C CYS A 601 -0.96 -17.73 15.90
N ARG A 602 -1.45 -16.53 15.58
CA ARG A 602 -2.17 -16.20 14.32
C ARG A 602 -1.13 -15.93 13.22
N LEU A 603 -1.34 -16.46 12.01
CA LEU A 603 -0.40 -16.28 10.87
C LEU A 603 -0.32 -14.81 10.51
N PRO A 604 0.88 -14.17 10.56
CA PRO A 604 1.02 -12.75 10.25
C PRO A 604 0.45 -12.37 8.87
N LEU A 605 0.66 -13.25 7.87
CA LEU A 605 0.21 -13.04 6.47
C LEU A 605 -1.32 -12.93 6.42
N LYS A 606 -2.02 -13.82 7.13
CA LYS A 606 -3.50 -13.87 7.21
C LYS A 606 -3.91 -14.13 8.66
N PRO A 607 -4.09 -13.07 9.49
CA PRO A 607 -4.29 -13.25 10.93
C PRO A 607 -5.62 -13.89 11.34
N SER A 608 -6.47 -14.28 10.38
CA SER A 608 -7.70 -15.08 10.61
C SER A 608 -7.33 -16.53 10.94
N LEU A 609 -6.23 -17.03 10.39
CA LEU A 609 -5.73 -18.42 10.58
C LEU A 609 -4.92 -18.50 11.89
N VAL A 610 -5.32 -19.39 12.81
CA VAL A 610 -4.64 -19.63 14.12
C VAL A 610 -3.93 -20.99 14.05
N ALA A 611 -2.59 -20.98 14.13
CA ALA A 611 -1.73 -22.19 14.14
C ALA A 611 -1.45 -22.58 15.60
N LYS A 612 -1.65 -23.86 15.94
CA LYS A 612 -1.45 -24.41 17.31
C LYS A 612 -0.14 -25.22 17.37
N GLU A 613 0.30 -25.78 16.24
CA GLU A 613 1.44 -26.74 16.17
C GLU A 613 2.06 -26.69 14.77
N LEU A 614 3.34 -27.08 14.67
CA LEU A 614 4.11 -27.20 13.40
C LEU A 614 4.08 -28.67 12.94
N ASN A 615 3.90 -28.89 11.63
CA ASN A 615 3.94 -30.23 10.98
C ASN A 615 5.37 -30.44 10.44
N ILE A 616 6.34 -30.62 11.34
CA ILE A 616 7.80 -30.67 11.07
C ILE A 616 8.11 -31.59 9.87
N LYS A 617 7.47 -32.76 9.80
CA LYS A 617 7.72 -33.79 8.76
C LYS A 617 7.27 -33.28 7.38
N SER A 618 6.34 -32.32 7.34
CA SER A 618 5.81 -31.69 6.10
C SER A 618 6.64 -30.45 5.73
N CYS A 619 7.29 -29.81 6.71
CA CYS A 619 8.17 -28.62 6.52
C CYS A 619 9.37 -28.99 5.65
N SER A 620 9.84 -28.05 4.82
CA SER A 620 10.96 -28.24 3.85
C SER A 620 11.47 -26.88 3.35
N PHE A 621 12.40 -26.91 2.39
CA PHE A 621 12.95 -25.73 1.67
C PHE A 621 12.75 -25.94 0.16
N PHE A 622 12.71 -24.85 -0.61
CA PHE A 622 12.24 -24.82 -2.03
C PHE A 622 13.41 -25.06 -3.01
N SER A 623 14.65 -25.06 -2.52
CA SER A 623 15.87 -25.44 -3.30
C SER A 623 16.04 -24.52 -4.51
N SER A 624 16.08 -23.20 -4.28
CA SER A 624 16.32 -22.14 -5.28
C SER A 624 17.22 -21.06 -4.67
N ASN A 625 17.34 -19.90 -5.33
CA ASN A 625 18.11 -18.74 -4.82
C ASN A 625 17.43 -18.22 -3.55
N ALA A 626 18.21 -18.09 -2.46
CA ALA A 626 17.79 -17.63 -1.11
C ALA A 626 17.36 -18.83 -0.24
N MET A 627 17.13 -20.00 -0.85
CA MET A 627 16.65 -21.24 -0.18
C MET A 627 15.44 -20.91 0.69
N PRO A 628 14.28 -20.53 0.08
CA PRO A 628 13.07 -20.23 0.85
C PRO A 628 12.53 -21.46 1.61
N LEU A 629 11.93 -21.24 2.78
CA LEU A 629 11.32 -22.28 3.63
C LEU A 629 9.87 -22.53 3.20
N LYS A 630 9.39 -23.77 3.39
CA LYS A 630 7.97 -24.17 3.26
C LYS A 630 7.46 -24.54 4.66
N VAL A 631 6.97 -23.58 5.42
CA VAL A 631 6.45 -23.77 6.81
C VAL A 631 5.02 -24.31 6.71
N THR A 632 4.79 -25.53 7.22
CA THR A 632 3.47 -26.22 7.24
C THR A 632 2.99 -26.33 8.69
N MET A 633 2.00 -25.51 9.06
CA MET A 633 1.39 -25.47 10.41
C MET A 633 0.00 -26.10 10.35
N VAL A 634 -0.42 -26.79 11.42
CA VAL A 634 -1.79 -27.38 11.56
C VAL A 634 -2.70 -26.32 12.19
N ASN A 635 -3.95 -26.26 11.72
CA ASN A 635 -4.97 -25.26 12.16
C ASN A 635 -5.43 -25.61 13.59
N ALA A 636 -5.62 -24.60 14.43
CA ALA A 636 -6.16 -24.73 15.80
C ALA A 636 -7.64 -25.16 15.74
N ASP A 637 -8.32 -24.80 14.65
CA ASP A 637 -9.73 -25.18 14.36
C ASP A 637 -9.75 -26.50 13.59
N PRO A 638 -10.37 -27.58 14.13
CA PRO A 638 -10.52 -28.83 13.39
C PRO A 638 -11.35 -28.71 12.11
N LEU A 639 -12.27 -27.74 12.06
CA LEU A 639 -13.12 -27.42 10.87
C LEU A 639 -12.25 -26.82 9.76
N GLY A 640 -11.10 -26.24 10.12
CA GLY A 640 -10.13 -25.62 9.17
C GLY A 640 -9.25 -26.65 8.50
N GLU A 641 -8.34 -26.18 7.64
CA GLU A 641 -7.38 -27.00 6.86
C GLU A 641 -5.95 -26.52 7.13
N GLU A 642 -4.96 -27.39 6.89
CA GLU A 642 -3.50 -27.15 7.03
C GLU A 642 -3.12 -25.76 6.50
N ILE A 643 -2.20 -25.07 7.19
CA ILE A 643 -1.67 -23.73 6.82
C ILE A 643 -0.30 -23.92 6.14
N ASN A 644 -0.23 -23.62 4.84
CA ASN A 644 1.03 -23.69 4.03
C ASN A 644 1.43 -22.26 3.62
N VAL A 645 2.57 -21.79 4.15
CA VAL A 645 3.15 -20.45 3.83
C VAL A 645 4.65 -20.63 3.53
N MET A 646 5.22 -19.73 2.73
CA MET A 646 6.68 -19.64 2.45
C MET A 646 7.26 -18.49 3.26
N PHE A 647 8.42 -18.69 3.90
CA PHE A 647 9.22 -17.63 4.56
C PHE A 647 10.57 -17.50 3.82
N LYS A 648 10.80 -16.34 3.20
CA LYS A 648 12.01 -16.02 2.40
C LYS A 648 12.86 -15.00 3.16
N VAL A 649 14.19 -15.09 3.02
CA VAL A 649 15.19 -14.17 3.66
C VAL A 649 16.20 -13.74 2.59
N GLY A 650 16.58 -12.46 2.57
CA GLY A 650 17.62 -11.90 1.68
C GLY A 650 17.06 -10.90 0.68
N GLU A 651 15.85 -11.16 0.16
CA GLU A 651 15.20 -10.34 -0.89
C GLU A 651 14.24 -9.34 -0.24
N ASP A 652 14.20 -8.10 -0.77
CA ASP A 652 13.27 -7.02 -0.36
C ASP A 652 11.90 -7.30 -0.98
N LEU A 653 10.93 -7.73 -0.17
CA LEU A 653 9.59 -8.22 -0.63
C LEU A 653 8.60 -7.06 -0.78
N ARG A 654 9.05 -5.81 -0.64
CA ARG A 654 8.18 -4.61 -0.69
C ARG A 654 7.77 -4.31 -2.14
N GLN A 655 8.67 -4.52 -3.11
CA GLN A 655 8.41 -4.30 -4.56
C GLN A 655 7.56 -5.45 -5.09
N ASP A 656 7.70 -6.66 -4.53
CA ASP A 656 6.79 -7.80 -4.76
C ASP A 656 5.40 -7.44 -4.23
N MET A 657 5.34 -6.83 -3.05
CA MET A 657 4.09 -6.37 -2.38
C MET A 657 3.37 -5.33 -3.26
N LEU A 658 4.12 -4.41 -3.86
CA LEU A 658 3.57 -3.29 -4.69
C LEU A 658 2.98 -3.86 -5.98
N ALA A 659 3.72 -4.75 -6.66
CA ALA A 659 3.29 -5.44 -7.91
C ALA A 659 1.96 -6.15 -7.66
N LEU A 660 1.90 -6.96 -6.59
CA LEU A 660 0.70 -7.73 -6.18
C LEU A 660 -0.46 -6.77 -5.85
N GLN A 661 -0.16 -5.65 -5.20
CA GLN A 661 -1.15 -4.58 -4.87
C GLN A 661 -1.73 -4.01 -6.16
N MET A 662 -0.86 -3.58 -7.08
CA MET A 662 -1.25 -2.96 -8.38
C MET A 662 -2.13 -3.95 -9.17
N ILE A 663 -1.75 -5.24 -9.20
CA ILE A 663 -2.51 -6.32 -9.89
C ILE A 663 -3.87 -6.50 -9.19
N LYS A 664 -3.91 -6.39 -7.86
CA LYS A 664 -5.14 -6.55 -7.04
C LYS A 664 -6.10 -5.37 -7.31
N ILE A 665 -5.57 -4.14 -7.43
CA ILE A 665 -6.37 -2.92 -7.73
C ILE A 665 -6.94 -3.03 -9.16
N MET A 666 -6.13 -3.49 -10.12
CA MET A 666 -6.57 -3.80 -11.51
C MET A 666 -7.79 -4.72 -11.47
N ASP A 667 -7.72 -5.76 -10.63
CA ASP A 667 -8.79 -6.79 -10.46
C ASP A 667 -10.05 -6.13 -9.89
N LYS A 668 -9.90 -5.25 -8.90
CA LYS A 668 -11.01 -4.52 -8.24
C LYS A 668 -11.72 -3.64 -9.29
N ILE A 669 -10.94 -2.92 -10.11
CA ILE A 669 -11.45 -2.01 -11.19
C ILE A 669 -12.26 -2.84 -12.20
N TRP A 670 -11.71 -3.97 -12.64
CA TRP A 670 -12.35 -4.90 -13.62
C TRP A 670 -13.66 -5.45 -13.05
N LEU A 671 -13.65 -5.92 -11.80
CA LEU A 671 -14.81 -6.53 -11.12
C LEU A 671 -15.90 -5.48 -10.88
N LYS A 672 -15.52 -4.22 -10.67
CA LYS A 672 -16.45 -3.08 -10.43
C LYS A 672 -17.12 -2.64 -11.74
N GLU A 673 -16.59 -3.08 -12.89
CA GLU A 673 -17.17 -2.83 -14.25
C GLU A 673 -17.75 -4.13 -14.81
N GLY A 674 -17.83 -5.19 -14.00
CA GLY A 674 -18.49 -6.46 -14.33
C GLY A 674 -17.63 -7.39 -15.17
N LEU A 675 -16.32 -7.13 -15.23
CA LEU A 675 -15.33 -7.97 -15.97
C LEU A 675 -14.53 -8.82 -14.95
N ASP A 676 -14.80 -10.13 -14.91
CA ASP A 676 -14.09 -11.10 -14.04
C ASP A 676 -13.10 -11.89 -14.90
N LEU A 677 -11.81 -11.56 -14.83
CA LEU A 677 -10.72 -12.23 -15.58
C LEU A 677 -10.10 -13.35 -14.73
N ARG A 678 -10.74 -13.74 -13.63
CA ARG A 678 -10.44 -14.96 -12.85
C ARG A 678 -8.98 -14.94 -12.39
N MET A 679 -8.53 -13.79 -11.86
CA MET A 679 -7.12 -13.54 -11.48
C MET A 679 -6.80 -14.23 -10.16
N VAL A 680 -5.59 -14.80 -10.04
CA VAL A 680 -5.02 -15.36 -8.79
C VAL A 680 -4.43 -14.19 -7.98
N ILE A 681 -4.99 -13.90 -6.81
CA ILE A 681 -4.59 -12.77 -5.93
C ILE A 681 -4.05 -13.36 -4.62
N PHE A 682 -2.73 -13.62 -4.55
CA PHE A 682 -2.05 -14.22 -3.38
C PHE A 682 -1.33 -13.12 -2.57
N ARG A 683 -1.18 -13.35 -1.27
CA ARG A 683 -0.66 -12.38 -0.27
C ARG A 683 0.87 -12.44 -0.21
N CYS A 684 1.50 -11.34 0.18
CA CYS A 684 2.94 -11.23 0.52
C CYS A 684 3.12 -10.13 1.58
N LEU A 685 3.81 -10.43 2.68
CA LEU A 685 4.04 -9.47 3.80
C LEU A 685 5.54 -9.40 4.11
N SER A 686 6.08 -8.18 4.18
CA SER A 686 7.46 -7.87 4.63
C SER A 686 7.46 -7.73 6.16
N THR A 687 8.11 -8.67 6.87
CA THR A 687 8.17 -8.75 8.35
C THR A 687 9.59 -8.39 8.82
N GLY A 688 10.15 -7.30 8.30
CA GLY A 688 11.51 -6.81 8.63
C GLY A 688 12.29 -6.42 7.39
N ARG A 689 13.58 -6.13 7.55
CA ARG A 689 14.50 -5.76 6.44
C ARG A 689 14.85 -7.02 5.64
N ASP A 690 14.37 -7.09 4.38
CA ASP A 690 14.74 -8.13 3.39
C ASP A 690 14.32 -9.52 3.90
N ARG A 691 13.12 -9.63 4.49
CA ARG A 691 12.53 -10.93 4.92
C ARG A 691 11.03 -10.75 5.19
N GLY A 692 10.26 -11.82 4.94
CA GLY A 692 8.80 -11.88 5.12
C GLY A 692 8.27 -13.23 4.66
N MET A 693 6.94 -13.43 4.69
CA MET A 693 6.29 -14.69 4.27
C MET A 693 5.33 -14.43 3.11
N VAL A 694 5.23 -15.40 2.19
CA VAL A 694 4.44 -15.34 0.92
C VAL A 694 3.40 -16.46 0.95
N GLU A 695 2.16 -16.17 0.53
CA GLU A 695 1.07 -17.18 0.36
C GLU A 695 1.48 -18.17 -0.72
N LEU A 696 1.41 -19.47 -0.42
CA LEU A 696 1.70 -20.57 -1.38
C LEU A 696 0.38 -21.01 -2.04
N VAL A 697 0.22 -20.70 -3.33
CA VAL A 697 -0.95 -21.11 -4.16
C VAL A 697 -0.89 -22.63 -4.33
N PRO A 698 -1.93 -23.38 -3.90
CA PRO A 698 -1.89 -24.84 -3.92
C PRO A 698 -2.19 -25.44 -5.30
N ALA A 699 -1.62 -26.62 -5.58
CA ALA A 699 -1.79 -27.40 -6.83
C ALA A 699 -1.40 -26.52 -8.03
N SER A 700 -0.22 -25.90 -7.99
CA SER A 700 0.31 -25.00 -9.04
C SER A 700 1.82 -25.23 -9.22
N ASP A 701 2.27 -25.28 -10.48
CA ASP A 701 3.70 -25.42 -10.86
C ASP A 701 4.06 -24.32 -11.87
N THR A 702 5.36 -24.10 -12.10
CA THR A 702 5.89 -23.13 -13.10
C THR A 702 5.71 -23.74 -14.50
N LEU A 703 5.60 -22.88 -15.53
CA LEU A 703 5.52 -23.29 -16.96
C LEU A 703 6.77 -24.10 -17.34
N ARG A 704 7.92 -23.77 -16.74
CA ARG A 704 9.21 -24.48 -16.97
C ARG A 704 9.06 -25.97 -16.65
N LYS A 705 8.75 -26.30 -15.39
CA LYS A 705 8.62 -27.70 -14.90
C LYS A 705 7.63 -28.46 -15.78
N ILE A 706 6.51 -27.81 -16.15
CA ILE A 706 5.43 -28.41 -16.99
C ILE A 706 5.98 -28.68 -18.40
N GLN A 707 6.79 -27.76 -18.94
CA GLN A 707 7.33 -27.84 -20.33
C GLN A 707 8.39 -28.95 -20.42
N VAL A 708 9.18 -29.17 -19.37
CA VAL A 708 10.32 -30.13 -19.36
C VAL A 708 9.80 -31.54 -19.02
N GLU A 709 8.82 -31.66 -18.11
CA GLU A 709 8.30 -32.96 -17.62
C GLU A 709 7.47 -33.65 -18.71
N TYR A 710 6.84 -32.88 -19.60
CA TYR A 710 6.01 -33.39 -20.73
C TYR A 710 6.71 -33.10 -22.06
N GLY A 711 7.99 -32.72 -22.00
CA GLY A 711 8.96 -32.80 -23.11
C GLY A 711 9.77 -34.09 -23.03
N VAL A 712 9.76 -34.74 -21.87
CA VAL A 712 10.36 -36.10 -21.63
C VAL A 712 9.53 -37.14 -22.37
N THR A 713 8.21 -37.11 -22.18
CA THR A 713 7.23 -38.13 -22.68
C THR A 713 6.86 -37.83 -24.14
N GLY A 714 6.64 -36.56 -24.47
CA GLY A 714 6.17 -36.12 -25.80
C GLY A 714 7.25 -35.38 -26.58
N SER A 715 7.23 -35.52 -27.90
CA SER A 715 8.13 -34.83 -28.87
C SER A 715 7.34 -33.79 -29.68
N PHE A 716 6.13 -33.45 -29.22
CA PHE A 716 5.24 -32.45 -29.86
C PHE A 716 5.72 -31.03 -29.52
N LYS A 717 6.13 -30.81 -28.26
CA LYS A 717 6.53 -29.49 -27.68
C LYS A 717 5.52 -28.42 -28.10
N ASP A 718 4.24 -28.81 -28.24
CA ASP A 718 3.10 -27.92 -28.61
C ASP A 718 1.95 -28.08 -27.61
N LYS A 719 1.93 -29.17 -26.83
CA LYS A 719 0.83 -29.52 -25.88
C LYS A 719 1.37 -29.93 -24.51
N PRO A 720 2.42 -29.29 -23.96
CA PRO A 720 2.84 -29.59 -22.58
C PRO A 720 1.84 -29.03 -21.54
N LEU A 721 1.36 -27.81 -21.75
CA LEU A 721 0.38 -27.12 -20.86
C LEU A 721 -1.00 -27.80 -20.99
N ALA A 722 -1.39 -28.16 -22.21
CA ALA A 722 -2.68 -28.80 -22.54
C ALA A 722 -2.80 -30.16 -21.86
N GLU A 723 -1.77 -31.01 -22.01
CA GLU A 723 -1.74 -32.39 -21.47
C GLU A 723 -1.52 -32.36 -19.94
N TRP A 724 -1.00 -31.25 -19.41
CA TRP A 724 -0.88 -31.00 -17.94
C TRP A 724 -2.27 -30.72 -17.37
N LEU A 725 -3.07 -29.87 -18.04
CA LEU A 725 -4.43 -29.48 -17.61
C LEU A 725 -5.39 -30.68 -17.73
N ARG A 726 -5.22 -31.52 -18.76
CA ARG A 726 -6.05 -32.72 -19.01
C ARG A 726 -5.78 -33.77 -17.90
N LYS A 727 -4.55 -33.81 -17.37
CA LYS A 727 -4.13 -34.73 -16.28
C LYS A 727 -5.03 -34.51 -15.05
N TYR A 728 -5.29 -33.25 -14.69
CA TYR A 728 -6.05 -32.84 -13.48
C TYR A 728 -7.51 -32.49 -13.85
N ASN A 729 -7.79 -32.30 -15.14
CA ASN A 729 -9.15 -32.00 -15.67
C ASN A 729 -9.45 -32.96 -16.82
N PRO A 730 -9.78 -34.24 -16.54
CA PRO A 730 -9.89 -35.27 -17.57
C PRO A 730 -11.16 -35.19 -18.42
N SER A 731 -12.32 -34.93 -17.80
CA SER A 731 -13.63 -34.81 -18.47
CA SER A 731 -13.63 -34.83 -18.49
C SER A 731 -13.61 -33.63 -19.45
N GLU A 732 -14.38 -33.73 -20.55
CA GLU A 732 -14.45 -32.70 -21.62
C GLU A 732 -14.86 -31.35 -21.03
N GLU A 733 -15.88 -31.33 -20.16
CA GLU A 733 -16.40 -30.11 -19.51
C GLU A 733 -15.38 -29.58 -18.48
N GLU A 734 -14.63 -30.48 -17.84
CA GLU A 734 -13.57 -30.13 -16.85
C GLU A 734 -12.38 -29.48 -17.58
N TYR A 735 -11.99 -30.01 -18.74
CA TYR A 735 -10.89 -29.46 -19.58
C TYR A 735 -11.34 -28.11 -20.19
N GLU A 736 -12.62 -28.01 -20.55
CA GLU A 736 -13.23 -26.80 -21.16
C GLU A 736 -13.20 -25.65 -20.16
N LYS A 737 -13.59 -25.90 -18.90
CA LYS A 737 -13.63 -24.89 -17.82
C LYS A 737 -12.20 -24.49 -17.45
N ALA A 738 -11.25 -25.43 -17.55
CA ALA A 738 -9.81 -25.22 -17.23
C ALA A 738 -9.17 -24.35 -18.31
N SER A 739 -9.46 -24.65 -19.58
CA SER A 739 -9.01 -23.89 -20.77
C SER A 739 -9.60 -22.48 -20.74
N GLU A 740 -10.86 -22.35 -20.32
CA GLU A 740 -11.58 -21.05 -20.19
C GLU A 740 -10.92 -20.21 -19.10
N ASN A 741 -10.68 -20.82 -17.92
CA ASN A 741 -9.98 -20.19 -16.77
C ASN A 741 -8.64 -19.60 -17.23
N PHE A 742 -7.90 -20.34 -18.05
CA PHE A 742 -6.59 -19.93 -18.63
C PHE A 742 -6.77 -18.68 -19.48
N ILE A 743 -7.70 -18.71 -20.44
CA ILE A 743 -8.01 -17.60 -21.39
C ILE A 743 -8.15 -16.29 -20.59
N TYR A 744 -9.01 -16.29 -19.59
CA TYR A 744 -9.38 -15.11 -18.77
C TYR A 744 -8.16 -14.64 -17.94
N SER A 745 -7.55 -15.56 -17.18
CA SER A 745 -6.40 -15.29 -16.28
C SER A 745 -5.18 -14.83 -17.09
N CYS A 746 -4.99 -15.40 -18.29
CA CYS A 746 -3.87 -15.05 -19.23
C CYS A 746 -4.07 -13.63 -19.75
N ALA A 747 -5.29 -13.27 -20.15
CA ALA A 747 -5.67 -11.92 -20.63
C ALA A 747 -5.29 -10.88 -19.57
N GLY A 748 -5.71 -11.11 -18.32
CA GLY A 748 -5.41 -10.23 -17.17
C GLY A 748 -3.92 -10.10 -16.92
N CYS A 749 -3.17 -11.20 -17.08
CA CYS A 749 -1.70 -11.25 -16.88
C CYS A 749 -0.99 -10.44 -17.97
N CYS A 750 -1.41 -10.60 -19.23
CA CYS A 750 -0.86 -9.90 -20.42
C CYS A 750 -1.06 -8.38 -20.28
N VAL A 751 -2.24 -7.95 -19.81
CA VAL A 751 -2.58 -6.51 -19.57
C VAL A 751 -1.67 -5.99 -18.45
N ALA A 752 -1.67 -6.67 -17.29
CA ALA A 752 -0.87 -6.32 -16.09
C ALA A 752 0.61 -6.24 -16.45
N THR A 753 1.11 -7.23 -17.22
CA THR A 753 2.51 -7.35 -17.67
C THR A 753 2.93 -6.06 -18.40
N TYR A 754 2.10 -5.57 -19.33
CA TYR A 754 2.41 -4.41 -20.19
C TYR A 754 2.35 -3.10 -19.39
N VAL A 755 1.24 -2.88 -18.69
CA VAL A 755 0.92 -1.59 -17.99
C VAL A 755 1.98 -1.33 -16.91
N LEU A 756 2.29 -2.33 -16.10
CA LEU A 756 3.29 -2.25 -14.99
C LEU A 756 4.71 -2.49 -15.54
N GLY A 757 4.82 -2.97 -16.78
CA GLY A 757 6.10 -3.13 -17.50
C GLY A 757 6.97 -4.21 -16.88
N ILE A 758 6.65 -5.48 -17.13
CA ILE A 758 7.38 -6.67 -16.62
C ILE A 758 7.78 -7.56 -17.81
N CYS A 759 8.97 -7.31 -18.38
CA CYS A 759 9.55 -8.03 -19.53
C CYS A 759 10.26 -9.32 -19.07
N ASP A 760 10.45 -9.50 -17.75
CA ASP A 760 11.10 -10.70 -17.15
C ASP A 760 10.05 -11.78 -16.92
N ARG A 761 9.21 -12.06 -17.92
CA ARG A 761 8.11 -13.05 -17.89
C ARG A 761 8.53 -14.27 -18.73
N HIS A 762 9.30 -15.18 -18.11
CA HIS A 762 9.81 -16.43 -18.76
CA HIS A 762 9.81 -16.43 -18.76
C HIS A 762 9.23 -17.66 -18.03
N ASN A 763 9.52 -18.85 -18.54
CA ASN A 763 8.93 -20.16 -18.13
C ASN A 763 8.99 -20.36 -16.59
N ASP A 764 9.94 -19.73 -15.90
CA ASP A 764 10.13 -19.89 -14.43
C ASP A 764 9.27 -18.85 -13.67
N ASN A 765 9.12 -17.65 -14.21
CA ASN A 765 8.51 -16.48 -13.52
C ASN A 765 6.99 -16.53 -13.63
N ILE A 766 6.44 -17.17 -14.66
CA ILE A 766 4.98 -17.45 -14.83
C ILE A 766 4.67 -18.78 -14.14
N MET A 767 3.55 -18.86 -13.42
CA MET A 767 3.05 -20.09 -12.75
C MET A 767 1.62 -20.38 -13.23
N LEU A 768 1.18 -21.64 -13.10
CA LEU A 768 -0.14 -22.13 -13.56
C LEU A 768 -0.75 -23.05 -12.49
N ARG A 769 -1.97 -22.74 -12.06
CA ARG A 769 -2.78 -23.54 -11.09
C ARG A 769 -3.42 -24.71 -11.86
N SER A 770 -3.64 -25.85 -11.19
CA SER A 770 -4.20 -27.08 -11.78
C SER A 770 -5.61 -26.83 -12.33
N THR A 771 -6.32 -25.85 -11.76
CA THR A 771 -7.69 -25.42 -12.18
C THR A 771 -7.61 -24.68 -13.53
N GLY A 772 -6.43 -24.17 -13.91
CA GLY A 772 -6.18 -23.56 -15.22
C GLY A 772 -5.77 -22.10 -15.14
N HIS A 773 -5.73 -21.52 -13.94
CA HIS A 773 -5.46 -20.08 -13.70
C HIS A 773 -3.95 -19.80 -13.81
N MET A 774 -3.57 -18.85 -14.66
CA MET A 774 -2.17 -18.35 -14.83
C MET A 774 -1.96 -17.14 -13.90
N PHE A 775 -0.75 -16.99 -13.35
CA PHE A 775 -0.38 -15.88 -12.44
C PHE A 775 1.15 -15.72 -12.38
N HIS A 776 1.60 -14.49 -12.09
CA HIS A 776 3.03 -14.12 -11.89
C HIS A 776 3.43 -14.40 -10.43
N ILE A 777 4.71 -14.71 -10.18
CA ILE A 777 5.26 -14.96 -8.81
C ILE A 777 6.46 -14.04 -8.55
N ASP A 778 7.38 -13.93 -9.50
CA ASP A 778 8.62 -13.09 -9.37
C ASP A 778 8.32 -11.69 -9.92
N PHE A 779 8.68 -10.65 -9.17
CA PHE A 779 8.50 -9.23 -9.55
C PHE A 779 9.81 -8.45 -9.29
N GLY A 780 10.95 -9.12 -9.52
CA GLY A 780 12.30 -8.51 -9.46
C GLY A 780 12.41 -7.37 -10.47
N LYS A 781 12.00 -7.64 -11.71
CA LYS A 781 11.79 -6.61 -12.77
C LYS A 781 10.40 -6.01 -12.57
N PHE A 782 10.29 -4.68 -12.63
CA PHE A 782 9.05 -3.92 -12.30
C PHE A 782 9.23 -2.45 -12.71
N LEU A 783 8.28 -1.92 -13.49
CA LEU A 783 8.30 -0.55 -14.07
C LEU A 783 9.56 -0.36 -14.92
N GLY A 784 10.08 -1.46 -15.49
CA GLY A 784 11.27 -1.46 -16.37
C GLY A 784 10.89 -1.27 -17.83
N HIS A 785 10.21 -0.16 -18.13
CA HIS A 785 9.67 0.18 -19.48
C HIS A 785 10.81 0.57 -20.43
N ALA A 786 12.07 0.53 -19.96
CA ALA A 786 13.29 0.66 -20.79
C ALA A 786 13.49 -0.64 -21.58
N GLN A 787 12.69 -0.85 -22.64
CA GLN A 787 12.78 -2.02 -23.55
C GLN A 787 13.58 -1.62 -24.80
N ALA A 797 8.68 -7.69 -28.08
CA ALA A 797 7.33 -8.03 -27.56
C ALA A 797 7.28 -7.84 -26.05
N PRO A 798 6.30 -7.08 -25.51
CA PRO A 798 6.24 -6.81 -24.07
C PRO A 798 5.94 -8.08 -23.26
N PHE A 799 4.88 -8.81 -23.62
CA PHE A 799 4.54 -10.16 -23.10
C PHE A 799 4.69 -11.18 -24.23
N VAL A 800 4.74 -12.47 -23.88
CA VAL A 800 4.99 -13.58 -24.85
C VAL A 800 3.90 -14.64 -24.70
N LEU A 801 3.29 -15.04 -25.83
CA LEU A 801 2.30 -16.14 -25.94
C LEU A 801 2.89 -17.25 -26.81
N THR A 802 3.40 -18.31 -26.19
CA THR A 802 4.06 -19.46 -26.88
C THR A 802 2.99 -20.31 -27.59
N SER A 803 3.43 -21.24 -28.45
CA SER A 803 2.55 -22.19 -29.19
C SER A 803 1.76 -23.07 -28.21
N ASP A 804 2.34 -23.34 -27.04
CA ASP A 804 1.70 -24.12 -25.94
C ASP A 804 0.47 -23.37 -25.43
N MET A 805 0.63 -22.08 -25.12
CA MET A 805 -0.42 -21.20 -24.55
C MET A 805 -1.54 -21.00 -25.58
N ALA A 806 -1.15 -20.72 -26.83
CA ALA A 806 -2.06 -20.49 -27.98
C ALA A 806 -2.97 -21.72 -28.19
N TYR A 807 -2.40 -22.92 -28.10
CA TYR A 807 -3.10 -24.22 -28.29
C TYR A 807 -4.20 -24.39 -27.23
N VAL A 808 -3.93 -23.96 -25.99
CA VAL A 808 -4.89 -24.03 -24.85
C VAL A 808 -6.01 -23.02 -25.06
N ILE A 809 -5.67 -21.81 -25.52
CA ILE A 809 -6.62 -20.67 -25.77
C ILE A 809 -7.55 -21.07 -26.92
N ASN A 810 -6.99 -21.47 -28.06
CA ASN A 810 -7.73 -21.89 -29.28
C ASN A 810 -8.58 -23.13 -28.97
N GLY A 811 -8.03 -24.06 -28.17
CA GLY A 811 -8.59 -25.41 -27.96
C GLY A 811 -8.35 -26.29 -29.16
N GLY A 812 -7.23 -26.08 -29.85
CA GLY A 812 -6.86 -26.74 -31.11
C GLY A 812 -5.63 -26.11 -31.74
N GLU A 813 -5.18 -26.65 -32.88
CA GLU A 813 -3.95 -26.23 -33.59
C GLU A 813 -4.26 -25.02 -34.50
N LYS A 814 -5.53 -24.84 -34.89
CA LYS A 814 -5.99 -23.72 -35.77
C LYS A 814 -6.78 -22.70 -34.94
N PRO A 815 -6.79 -21.42 -35.33
CA PRO A 815 -7.50 -20.38 -34.58
C PRO A 815 -9.03 -20.58 -34.54
N THR A 816 -9.64 -20.30 -33.39
CA THR A 816 -11.10 -20.41 -33.12
C THR A 816 -11.63 -19.05 -32.66
N ILE A 817 -12.92 -18.97 -32.31
CA ILE A 817 -13.58 -17.74 -31.76
C ILE A 817 -13.12 -17.53 -30.31
N ARG A 818 -12.50 -18.53 -29.68
CA ARG A 818 -11.99 -18.46 -28.28
C ARG A 818 -10.79 -17.50 -28.21
N PHE A 819 -10.03 -17.37 -29.30
CA PHE A 819 -8.90 -16.40 -29.40
C PHE A 819 -9.47 -14.98 -29.55
N GLN A 820 -10.55 -14.82 -30.32
CA GLN A 820 -11.26 -13.52 -30.48
C GLN A 820 -11.76 -13.05 -29.11
N LEU A 821 -12.23 -13.98 -28.27
CA LEU A 821 -12.67 -13.71 -26.87
C LEU A 821 -11.45 -13.22 -26.07
N PHE A 822 -10.34 -13.95 -26.12
CA PHE A 822 -9.06 -13.61 -25.44
C PHE A 822 -8.63 -12.19 -25.84
N VAL A 823 -8.69 -11.87 -27.13
CA VAL A 823 -8.31 -10.54 -27.71
C VAL A 823 -9.30 -9.48 -27.20
N ASP A 824 -10.61 -9.80 -27.20
CA ASP A 824 -11.70 -8.90 -26.74
C ASP A 824 -11.49 -8.57 -25.26
N LEU A 825 -11.22 -9.59 -24.43
CA LEU A 825 -11.03 -9.45 -22.96
C LEU A 825 -9.81 -8.57 -22.67
N CYS A 826 -8.69 -8.83 -23.34
CA CYS A 826 -7.40 -8.09 -23.21
C CYS A 826 -7.64 -6.59 -23.44
N CYS A 827 -8.19 -6.24 -24.60
CA CYS A 827 -8.45 -4.84 -25.05
C CYS A 827 -9.47 -4.17 -24.12
N GLN A 828 -10.54 -4.89 -23.77
CA GLN A 828 -11.62 -4.42 -22.84
C GLN A 828 -11.00 -4.06 -21.50
N ALA A 829 -10.16 -4.95 -20.94
CA ALA A 829 -9.44 -4.77 -19.65
C ALA A 829 -8.49 -3.58 -19.75
N TYR A 830 -7.60 -3.58 -20.75
CA TYR A 830 -6.61 -2.51 -21.04
C TYR A 830 -7.29 -1.14 -20.92
N ASN A 831 -8.46 -0.99 -21.54
CA ASN A 831 -9.22 0.30 -21.60
C ASN A 831 -9.77 0.66 -20.21
N LEU A 832 -10.21 -0.33 -19.41
CA LEU A 832 -10.79 -0.10 -18.06
C LEU A 832 -9.70 0.39 -17.09
N ILE A 833 -8.43 0.03 -17.36
CA ILE A 833 -7.24 0.50 -16.59
C ILE A 833 -6.85 1.90 -17.08
N ARG A 834 -6.96 2.15 -18.40
CA ARG A 834 -6.71 3.47 -19.03
C ARG A 834 -7.66 4.52 -18.45
N LYS A 835 -8.89 4.11 -18.11
CA LYS A 835 -9.94 4.98 -17.52
C LYS A 835 -9.52 5.43 -16.11
N GLN A 836 -8.71 4.63 -15.41
CA GLN A 836 -8.23 4.89 -14.03
C GLN A 836 -6.73 5.24 -14.02
N THR A 837 -6.22 5.81 -15.12
CA THR A 837 -4.79 6.22 -15.28
C THR A 837 -4.36 7.05 -14.06
N ASN A 838 -5.21 8.01 -13.64
CA ASN A 838 -4.94 8.96 -12.53
C ASN A 838 -4.65 8.20 -11.23
N LEU A 839 -5.48 7.20 -10.90
CA LEU A 839 -5.36 6.41 -9.64
C LEU A 839 -3.99 5.70 -9.61
N PHE A 840 -3.64 5.00 -10.69
CA PHE A 840 -2.38 4.22 -10.81
C PHE A 840 -1.16 5.14 -10.69
N LEU A 841 -1.20 6.29 -11.36
CA LEU A 841 -0.09 7.29 -11.33
C LEU A 841 0.03 7.88 -9.91
N ASN A 842 -1.09 8.06 -9.21
CA ASN A 842 -1.13 8.59 -7.81
C ASN A 842 -0.61 7.51 -6.84
N LEU A 843 -1.03 6.26 -7.02
CA LEU A 843 -0.64 5.12 -6.13
C LEU A 843 0.87 4.84 -6.26
N LEU A 844 1.43 4.96 -7.47
CA LEU A 844 2.86 4.75 -7.74
C LEU A 844 3.66 5.99 -7.32
N SER A 845 3.08 7.18 -7.44
CA SER A 845 3.68 8.47 -7.00
C SER A 845 3.92 8.46 -5.48
N LEU A 846 2.94 7.96 -4.72
CA LEU A 846 2.95 7.97 -3.23
C LEU A 846 3.97 6.95 -2.68
N MET A 847 4.42 5.99 -3.49
CA MET A 847 5.37 4.93 -3.08
C MET A 847 6.81 5.29 -3.46
N ILE A 848 7.03 6.45 -4.09
CA ILE A 848 8.37 6.98 -4.48
C ILE A 848 9.26 7.08 -3.23
N PRO A 849 8.81 7.71 -2.12
CA PRO A 849 9.65 7.86 -0.93
C PRO A 849 9.97 6.54 -0.19
N SER A 850 9.33 5.43 -0.55
CA SER A 850 9.59 4.06 0.00
C SER A 850 11.05 3.68 -0.25
N GLY A 851 11.60 4.06 -1.41
CA GLY A 851 13.00 3.78 -1.81
C GLY A 851 13.15 2.40 -2.43
N LEU A 852 12.33 2.09 -3.44
CA LEU A 852 12.36 0.81 -4.19
C LEU A 852 13.21 0.99 -5.45
N PRO A 853 13.96 -0.05 -5.89
CA PRO A 853 14.96 0.09 -6.94
C PRO A 853 14.55 0.96 -8.15
N GLU A 854 13.55 0.52 -8.94
CA GLU A 854 13.10 1.24 -10.17
C GLU A 854 11.74 1.90 -9.92
N LEU A 855 11.66 2.71 -8.86
CA LEU A 855 10.58 3.70 -8.61
C LEU A 855 11.15 4.77 -7.67
N THR A 856 11.82 5.77 -8.24
CA THR A 856 12.71 6.73 -7.55
C THR A 856 12.36 8.18 -7.96
N SER A 857 12.16 8.42 -9.26
CA SER A 857 11.85 9.75 -9.84
C SER A 857 10.38 9.79 -10.31
N ILE A 858 9.93 10.96 -10.76
CA ILE A 858 8.55 11.19 -11.32
C ILE A 858 8.55 10.74 -12.79
N GLN A 859 9.74 10.61 -13.39
CA GLN A 859 9.94 10.11 -14.78
C GLN A 859 9.55 8.64 -14.89
N ASP A 860 9.68 7.89 -13.78
CA ASP A 860 9.30 6.45 -13.69
C ASP A 860 7.78 6.30 -13.84
N LEU A 861 7.01 7.34 -13.49
CA LEU A 861 5.53 7.36 -13.63
C LEU A 861 5.16 7.59 -15.10
N LYS A 862 5.90 8.45 -15.81
CA LYS A 862 5.66 8.79 -17.23
C LYS A 862 5.64 7.50 -18.07
N TYR A 863 6.58 6.58 -17.79
CA TYR A 863 6.71 5.26 -18.46
C TYR A 863 5.38 4.50 -18.39
N VAL A 864 4.72 4.53 -17.22
CA VAL A 864 3.40 3.86 -16.99
C VAL A 864 2.31 4.65 -17.72
N ARG A 865 2.37 5.98 -17.68
CA ARG A 865 1.38 6.88 -18.36
C ARG A 865 1.45 6.67 -19.88
N ASP A 866 2.66 6.50 -20.43
CA ASP A 866 2.90 6.25 -21.87
C ASP A 866 2.29 4.90 -22.26
N ALA A 867 2.44 3.88 -21.39
CA ALA A 867 1.89 2.52 -21.58
C ALA A 867 0.36 2.57 -21.64
N LEU A 868 -0.26 3.49 -20.90
CA LEU A 868 -1.74 3.62 -20.77
C LEU A 868 -2.33 4.50 -21.86
N GLN A 869 -1.50 5.25 -22.60
CA GLN A 869 -1.92 6.08 -23.78
C GLN A 869 -3.23 6.80 -23.47
N PRO A 870 -3.23 7.83 -22.59
CA PRO A 870 -4.43 8.59 -22.29
C PRO A 870 -4.88 9.51 -23.44
N GLN A 871 -3.94 9.88 -24.32
CA GLN A 871 -4.16 10.71 -25.53
C GLN A 871 -5.22 10.06 -26.44
N THR A 872 -5.11 8.75 -26.67
CA THR A 872 -5.98 7.97 -27.60
C THR A 872 -7.33 7.69 -26.94
N THR A 873 -8.32 7.26 -27.72
CA THR A 873 -9.64 6.78 -27.23
C THR A 873 -9.66 5.24 -27.32
N ASP A 874 -10.72 4.62 -26.79
CA ASP A 874 -10.84 3.15 -26.59
C ASP A 874 -10.76 2.43 -27.95
N ALA A 875 -11.20 3.08 -29.03
CA ALA A 875 -11.12 2.57 -30.42
C ALA A 875 -9.65 2.38 -30.81
N GLU A 876 -8.85 3.44 -30.75
CA GLU A 876 -7.40 3.43 -31.13
C GLU A 876 -6.61 2.52 -30.18
N ALA A 877 -6.94 2.53 -28.89
CA ALA A 877 -6.27 1.75 -27.82
C ALA A 877 -6.45 0.25 -28.06
N THR A 878 -7.66 -0.17 -28.45
CA THR A 878 -8.00 -1.57 -28.81
C THR A 878 -7.13 -2.02 -29.99
N ILE A 879 -6.97 -1.17 -31.01
CA ILE A 879 -6.15 -1.45 -32.23
C ILE A 879 -4.69 -1.64 -31.81
N PHE A 880 -4.22 -0.84 -30.84
CA PHE A 880 -2.81 -0.83 -30.34
C PHE A 880 -2.52 -2.15 -29.62
N PHE A 881 -3.37 -2.54 -28.66
CA PHE A 881 -3.18 -3.74 -27.81
C PHE A 881 -3.37 -5.02 -28.64
N THR A 882 -4.25 -4.97 -29.65
CA THR A 882 -4.49 -6.08 -30.61
C THR A 882 -3.22 -6.31 -31.43
N ARG A 883 -2.45 -5.25 -31.71
CA ARG A 883 -1.15 -5.32 -32.45
C ARG A 883 -0.02 -5.73 -31.49
N LEU A 884 -0.19 -5.46 -30.18
CA LEU A 884 0.71 -5.98 -29.11
C LEU A 884 0.60 -7.51 -29.05
N ILE A 885 -0.63 -8.04 -29.11
CA ILE A 885 -0.94 -9.51 -29.01
C ILE A 885 -0.40 -10.22 -30.26
N GLU A 886 -0.58 -9.63 -31.45
CA GLU A 886 -0.10 -10.18 -32.75
C GLU A 886 1.43 -10.21 -32.75
N SER A 887 2.06 -9.17 -32.18
CA SER A 887 3.53 -9.06 -31.98
C SER A 887 3.99 -10.12 -30.96
N SER A 888 3.21 -10.33 -29.90
CA SER A 888 3.48 -11.31 -28.79
C SER A 888 3.63 -12.73 -29.35
N LEU A 889 2.77 -13.13 -30.29
CA LEU A 889 2.76 -14.48 -30.91
C LEU A 889 4.07 -14.72 -31.66
N GLY A 890 4.60 -13.69 -32.32
CA GLY A 890 5.94 -13.69 -32.94
C GLY A 890 6.00 -14.56 -34.19
N SER A 891 6.59 -15.76 -34.07
CA SER A 891 6.84 -16.71 -35.18
C SER A 891 5.52 -17.26 -35.75
N ILE A 892 4.61 -17.67 -34.86
CA ILE A 892 3.33 -18.36 -35.23
C ILE A 892 2.22 -17.32 -35.43
N ALA A 893 2.54 -16.02 -35.42
CA ALA A 893 1.61 -14.91 -35.68
C ALA A 893 1.05 -14.99 -37.11
N THR A 894 1.79 -15.62 -38.02
CA THR A 894 1.43 -15.84 -39.45
C THR A 894 0.12 -16.64 -39.55
N LYS A 895 -0.07 -17.60 -38.65
CA LYS A 895 -1.23 -18.55 -38.63
C LYS A 895 -2.54 -17.79 -38.39
N PHE A 896 -2.52 -16.75 -37.55
CA PHE A 896 -3.70 -15.97 -37.11
C PHE A 896 -4.02 -14.87 -38.12
N ASN A 897 -5.17 -14.20 -37.95
CA ASN A 897 -5.69 -13.13 -38.84
C ASN A 897 -5.46 -11.78 -38.16
PG ATP B . 15.08 -17.46 -7.79
O1G ATP B . 14.75 -17.01 -6.39
O2G ATP B . 15.67 -16.36 -8.64
O3G ATP B . 15.90 -18.72 -7.81
PB ATP B . 12.19 -17.25 -8.30
O1B ATP B . 12.28 -15.91 -7.65
O2B ATP B . 11.46 -17.40 -9.60
O3B ATP B . 13.67 -17.84 -8.48
PA ATP B . 11.39 -18.26 -5.66
O1A ATP B . 10.75 -16.97 -5.29
O2A ATP B . 12.69 -18.62 -5.01
O3A ATP B . 11.58 -18.30 -7.25
O5' ATP B . 10.34 -19.45 -5.44
C5' ATP B . 10.80 -20.82 -5.61
C4' ATP B . 9.65 -21.68 -6.06
O4' ATP B . 8.56 -21.56 -5.12
C3' ATP B . 9.02 -21.31 -7.42
O3' ATP B . 9.74 -21.90 -8.49
C2' ATP B . 7.61 -21.90 -7.27
O2' ATP B . 7.57 -23.27 -7.60
C1' ATP B . 7.32 -21.69 -5.79
N9 ATP B . 6.52 -20.50 -5.50
C8 ATP B . 6.94 -19.20 -5.40
N7 ATP B . 5.96 -18.36 -5.12
C5 ATP B . 4.83 -19.16 -5.05
C6 ATP B . 3.48 -18.87 -4.81
N6 ATP B . 3.01 -17.65 -4.57
N1 ATP B . 2.61 -19.91 -4.80
C2 ATP B . 3.08 -21.14 -5.05
N3 ATP B . 4.33 -21.53 -5.30
C4 ATP B . 5.17 -20.48 -5.29
S SO4 C . -7.82 35.90 -10.23
O1 SO4 C . -6.45 36.29 -10.43
O2 SO4 C . -8.66 37.06 -10.25
O3 SO4 C . -7.94 35.23 -8.96
O4 SO4 C . -8.22 35.00 -11.29
S SO4 D . 0.72 -5.29 27.70
O1 SO4 D . 1.81 -4.45 27.27
O2 SO4 D . -0.41 -4.47 28.05
O3 SO4 D . 1.14 -6.05 28.85
O4 SO4 D . 0.37 -6.19 26.63
C1 EDO E . 1.50 37.41 -8.16
O1 EDO E . 0.50 36.40 -8.19
C2 EDO E . 1.01 38.69 -7.63
O2 EDO E . 0.58 38.63 -6.28
C1 EDO F . 13.52 33.97 15.09
O1 EDO F . 13.32 33.20 13.91
C2 EDO F . 12.36 34.81 15.45
O2 EDO F . 11.45 34.17 16.32
MG MG G . 12.44 -14.07 -6.07
#